data_6V69
#
_entry.id   6V69
#
_cell.length_a   1.00
_cell.length_b   1.00
_cell.length_c   1.00
_cell.angle_alpha   90.00
_cell.angle_beta   90.00
_cell.angle_gamma   90.00
#
_symmetry.space_group_name_H-M   'P 1'
#
loop_
_entity.id
_entity.type
_entity.pdbx_description
1 polymer 'Gamma-tubulin complex component 5'
2 polymer 'Gamma-tubulin complex component 4'
#
loop_
_entity_poly.entity_id
_entity_poly.type
_entity_poly.pdbx_seq_one_letter_code
_entity_poly.pdbx_strand_id
1 'polypeptide(L)'
;MARHGPPWSRLDAQQERDVRELVRGVAGLQDEADPNFQLALNFAWSNFRFHRFLDVNSHKIEKTIEGIYEKFVIHSDLSK
AASWKRLTEEFLNAPLPSIKEIKTDAHYSILSLLLCLSDSPSNSSYVETPRNKEVEKKDDFDWGKYLMEDEEMDIGPYMD
TPNWSEESEEENDQQPLSREDSGIQVDRTPLEEQDQNRKLDPCISWKDEPDDRSWLEHHVVHQYWTARPSQFPHSLHLHS
NLAAVWDQHLYSSDPLYVPDDRVLVTETQVIRETLWLLSGVKKLFIFQLIDGKVTVRNNIIVTHLTHSCLRSVLEQIAAY
GQVVFRLQEFIDEVMGHSSESMLPGSGSVPKKSTEAPFRTYQAFMWALYKYFISFKEELAEIEKCIINNDTTITLAIVVD
KLAPRLSQLKVLHKVFSTGVAEVPPDTRNVVRASHLLNTLYKAILEYDNVGEASEQTVSLLFSLWVETVRPYLQTVDEWI
VHGHLWDGAREFIIQRNKNVPVNHRDFWYATYTLYSVSEKTENEEKMSDNASASSGSDQGPSSRQHTMVSFLKPVLKQII
MAGKSMQLLKNLQCAESTTCQAGARDAERKSLYTLFLESVQSRLRHGEDSTPQVLTEQQATKENLMKMQSIAESHLELDD
VHDPLLAINFARMYLEQSDFHEKFAGGDVCVDRSSESVTCQTFELTLRSCLYPHIDKQYLDCCGNLMQTLKKDYRLVEYL
QAMRNFFLMEGGDTMYDFYTSIFDKIREKETWQNVSFLNVQLQEAVGQRYPEDSSRLSISFENVDTAKKKLPVHILDGLT
LSYKVPWPVDIVISLECQKIYNQVFLLLLQIKWAKYSLDVLLFGELVSTAEKPRLKEGLIHEQDTVAQFGPQKEPVRQQI
HRMFLLRVKLMHFVNSLHNYIMTRILHSTGLEFQHQVEEAKDLDQLIKIHYRYLSTIHDRCLLREKVSFVKEAIMKVLNL
ALMFADGWQAGLGTWRMESIEKMESDFKNCHMFLVTILNKAVCRGSFPHLESLALSLMAGMEQS
;
J
2 'polypeptide(L)'
;MIHELLLALSGYPGSIFTWNKRSGLQVSQDFPFLHPSETSVLNRLCRLGTDYIRFTEFIEQYTGHVQQQDHHPSQQGQGG
LHGIYLRAFCTGLDSVLQPYRQALLDLEQEFLGDPHLSISHVNYFLDQFQLLFPSVMVVVEQIKSQKIHGCQILETVYKH
SCGGLPPVRSALEKILAVCHGVMYKQLSAWMLHGLLLDQHEEFFIKQGPSSGNVSAQPEEDEEDLGIGGLTGKQLRELQD
LRLIEEENMLAPSLKQFSLRVEILPSYIPVRVAEKILFVGESVQMFENQNVNLTRKGSILKNQEDTFAAELHRLKQQPLF
SLVDFEQVVDRIRSTVAEHLWKLMVEESDLLGQLKIIKDFYLLGRGELFQAFIDTAQHMLKTPPTAVTEHDVNVAFQQSA
HKVLLDDDNLLPLLHLTIEYHGKEHKADATQAREGPSRETSPREAPASGWAALGLSYKVQWPLHILFTPAVLEKYNVVFK
YLLSVRRVQAELQHCWALQMQRKHLKSNQTDAIKWRLRNHMAFLVDNLQYYLQVDVLESQFSQLLHQINSTRDFESIRLA
HDHFLSNLLAQSFILLKPVFHCLNEILDLCHSFCSLVSQNLGPLDERGAAQLSILVKGFSRQSSLLFKILSSVRNHQINS
DLAQLLLRLDYNKYYTQAGGTLGSFGM
;
I
#
# COMPACT_ATOMS: atom_id res chain seq x y z
N ASP A 260 -39.24 -59.17 -15.79
CA ASP A 260 -38.87 -58.37 -14.62
C ASP A 260 -40.10 -57.68 -14.02
N ASP A 261 -40.35 -57.92 -12.74
CA ASP A 261 -41.51 -57.37 -12.07
C ASP A 261 -41.21 -55.97 -11.54
N ARG A 262 -42.27 -55.19 -11.40
CA ARG A 262 -42.16 -53.82 -10.91
C ARG A 262 -43.36 -53.50 -10.04
N VAL A 263 -43.20 -52.51 -9.17
CA VAL A 263 -44.23 -52.23 -8.17
C VAL A 263 -45.37 -51.40 -8.76
N LEU A 264 -45.08 -50.55 -9.74
CA LEU A 264 -46.08 -49.70 -10.40
C LEU A 264 -46.77 -48.79 -9.38
N VAL A 265 -45.96 -47.90 -8.81
CA VAL A 265 -46.47 -46.91 -7.87
C VAL A 265 -47.27 -45.85 -8.63
N THR A 266 -48.19 -45.20 -7.92
CA THR A 266 -48.96 -44.11 -8.49
C THR A 266 -48.09 -42.87 -8.60
N GLU A 267 -48.70 -41.75 -8.98
CA GLU A 267 -47.95 -40.53 -9.25
C GLU A 267 -47.79 -39.66 -8.02
N THR A 268 -48.89 -39.32 -7.35
CA THR A 268 -48.82 -38.40 -6.22
C THR A 268 -47.97 -38.98 -5.08
N GLN A 269 -47.95 -40.31 -4.95
CA GLN A 269 -47.16 -40.93 -3.88
C GLN A 269 -45.70 -40.52 -3.95
N VAL A 270 -45.17 -40.35 -5.16
CA VAL A 270 -43.75 -40.03 -5.32
C VAL A 270 -43.43 -38.68 -4.71
N ILE A 271 -44.32 -37.70 -4.90
CA ILE A 271 -44.05 -36.36 -4.38
C ILE A 271 -43.99 -36.39 -2.86
N ARG A 272 -44.92 -37.11 -2.23
CA ARG A 272 -44.90 -37.21 -0.77
C ARG A 272 -43.64 -37.92 -0.29
N GLU A 273 -43.12 -38.86 -1.09
CA GLU A 273 -41.85 -39.49 -0.75
C GLU A 273 -40.72 -38.47 -0.75
N THR A 274 -40.61 -37.68 -1.82
CA THR A 274 -39.56 -36.69 -1.91
C THR A 274 -39.67 -35.66 -0.79
N LEU A 275 -40.90 -35.23 -0.49
CA LEU A 275 -41.09 -34.31 0.63
C LEU A 275 -40.63 -34.93 1.94
N TRP A 276 -40.82 -36.24 2.09
CA TRP A 276 -40.32 -36.92 3.28
C TRP A 276 -38.80 -37.02 3.25
N LEU A 277 -38.23 -37.39 2.10
CA LEU A 277 -36.79 -37.52 1.99
C LEU A 277 -36.10 -36.19 2.23
N LEU A 278 -36.57 -35.13 1.57
CA LEU A 278 -35.97 -33.81 1.78
C LEU A 278 -36.22 -33.32 3.20
N SER A 279 -37.25 -33.84 3.86
CA SER A 279 -37.50 -33.44 5.24
C SER A 279 -36.36 -33.89 6.15
N GLY A 280 -35.79 -35.06 5.88
CA GLY A 280 -34.67 -35.53 6.67
C GLY A 280 -34.94 -36.79 7.45
N VAL A 281 -35.80 -37.66 6.94
CA VAL A 281 -36.13 -38.91 7.57
C VAL A 281 -35.43 -40.05 6.83
N LYS A 282 -35.48 -41.25 7.41
CA LYS A 282 -34.87 -42.42 6.82
C LYS A 282 -35.91 -43.54 6.78
N LYS A 283 -35.50 -44.69 6.24
CA LYS A 283 -36.36 -45.85 6.09
C LYS A 283 -37.59 -45.53 5.24
N LEU A 284 -37.33 -45.17 3.98
CA LEU A 284 -38.37 -44.85 3.02
C LEU A 284 -38.48 -45.96 1.99
N PHE A 285 -39.70 -46.20 1.50
CA PHE A 285 -39.91 -47.20 0.46
C PHE A 285 -39.13 -46.88 -0.80
N ILE A 286 -38.84 -45.61 -1.03
CA ILE A 286 -38.00 -45.17 -2.15
C ILE A 286 -36.76 -44.54 -1.54
N PHE A 287 -35.68 -44.52 -2.32
CA PHE A 287 -34.41 -43.94 -1.90
C PHE A 287 -33.83 -44.71 -0.71
N GLN A 288 -33.79 -46.04 -0.84
CA GLN A 288 -33.31 -46.88 0.26
C GLN A 288 -31.79 -46.80 0.32
N LEU A 289 -31.28 -46.13 1.35
CA LEU A 289 -29.83 -46.03 1.53
C LEU A 289 -29.28 -47.39 1.98
N ILE A 290 -27.99 -47.59 1.69
CA ILE A 290 -27.30 -48.84 2.01
C ILE A 290 -26.07 -48.58 2.87
N ASP A 291 -25.25 -47.61 2.48
CA ASP A 291 -23.98 -47.33 3.14
C ASP A 291 -23.82 -45.83 3.38
N GLY A 292 -24.88 -45.20 3.91
CA GLY A 292 -24.85 -43.76 4.05
C GLY A 292 -24.96 -43.03 2.73
N LYS A 293 -25.47 -43.69 1.69
CA LYS A 293 -25.59 -43.10 0.37
C LYS A 293 -26.96 -43.48 -0.19
N VAL A 294 -27.87 -42.50 -0.24
CA VAL A 294 -29.22 -42.78 -0.72
C VAL A 294 -29.17 -43.23 -2.18
N THR A 295 -30.01 -44.22 -2.51
CA THR A 295 -30.02 -44.78 -3.85
C THR A 295 -31.43 -45.20 -4.21
N VAL A 296 -31.82 -44.89 -5.44
CA VAL A 296 -33.16 -45.22 -5.92
C VAL A 296 -33.32 -46.73 -6.04
N ARG A 297 -34.54 -47.21 -5.83
CA ARG A 297 -34.86 -48.61 -6.02
C ARG A 297 -34.86 -48.94 -7.51
N ASN A 298 -35.18 -50.19 -7.84
CA ASN A 298 -35.10 -50.66 -9.21
C ASN A 298 -36.42 -51.14 -9.81
N ASN A 299 -37.48 -51.24 -9.02
CA ASN A 299 -38.76 -51.74 -9.51
C ASN A 299 -39.83 -50.66 -9.58
N ILE A 300 -39.44 -49.40 -9.49
CA ILE A 300 -40.37 -48.29 -9.49
C ILE A 300 -40.71 -47.90 -10.93
N ILE A 301 -41.99 -47.75 -11.21
CA ILE A 301 -42.44 -47.42 -12.57
C ILE A 301 -43.82 -46.77 -12.46
N VAL A 302 -44.07 -45.82 -13.35
CA VAL A 302 -45.38 -45.19 -13.48
C VAL A 302 -45.95 -45.60 -14.83
N THR A 303 -47.24 -45.31 -15.02
CA THR A 303 -47.89 -45.59 -16.30
C THR A 303 -47.11 -44.98 -17.47
N HIS A 304 -46.55 -43.79 -17.26
CA HIS A 304 -45.76 -43.08 -18.25
C HIS A 304 -44.29 -43.04 -17.81
N LEU A 305 -43.49 -42.29 -18.56
CA LEU A 305 -42.07 -42.05 -18.28
C LEU A 305 -41.21 -43.30 -18.45
N THR A 306 -41.73 -44.32 -19.13
CA THR A 306 -41.02 -45.49 -19.66
C THR A 306 -39.96 -46.06 -18.72
N HIS A 307 -40.15 -45.91 -17.41
CA HIS A 307 -39.41 -46.65 -16.39
C HIS A 307 -37.95 -46.21 -16.29
N SER A 308 -37.50 -45.37 -17.21
CA SER A 308 -36.11 -44.93 -17.23
C SER A 308 -35.94 -43.47 -16.88
N CYS A 309 -36.77 -42.58 -17.43
CA CYS A 309 -36.73 -41.18 -17.03
C CYS A 309 -37.00 -41.04 -15.54
N LEU A 310 -37.86 -41.89 -14.98
CA LEU A 310 -38.11 -41.87 -13.55
C LEU A 310 -36.82 -42.14 -12.79
N ARG A 311 -36.05 -43.15 -13.22
CA ARG A 311 -34.74 -43.39 -12.63
C ARG A 311 -33.81 -42.20 -12.83
N SER A 312 -34.04 -41.39 -13.86
CA SER A 312 -33.21 -40.22 -14.08
C SER A 312 -33.64 -39.07 -13.17
N VAL A 313 -34.93 -38.74 -13.16
CA VAL A 313 -35.39 -37.60 -12.38
C VAL A 313 -35.20 -37.86 -10.89
N LEU A 314 -35.41 -39.10 -10.45
CA LEU A 314 -35.20 -39.42 -9.05
C LEU A 314 -33.72 -39.36 -8.68
N GLU A 315 -32.84 -39.68 -9.63
CA GLU A 315 -31.41 -39.67 -9.35
C GLU A 315 -30.95 -38.27 -8.97
N GLN A 316 -31.51 -37.24 -9.61
CA GLN A 316 -31.11 -35.87 -9.28
C GLN A 316 -31.59 -35.50 -7.87
N ILE A 317 -32.85 -35.81 -7.56
CA ILE A 317 -33.35 -35.52 -6.22
C ILE A 317 -32.60 -36.33 -5.18
N ALA A 318 -32.20 -37.55 -5.54
CA ALA A 318 -31.39 -38.36 -4.64
C ALA A 318 -30.08 -37.65 -4.30
N ALA A 319 -29.46 -37.01 -5.29
CA ALA A 319 -28.25 -36.24 -5.02
C ALA A 319 -28.49 -35.17 -3.96
N TYR A 320 -29.70 -34.61 -3.93
CA TYR A 320 -30.03 -33.64 -2.90
C TYR A 320 -30.29 -34.30 -1.55
N GLY A 321 -30.84 -35.52 -1.57
CA GLY A 321 -31.03 -36.24 -0.32
C GLY A 321 -29.73 -36.48 0.40
N GLN A 322 -28.67 -36.78 -0.36
CA GLN A 322 -27.36 -37.00 0.24
C GLN A 322 -26.90 -35.76 1.00
N VAL A 323 -27.17 -34.58 0.46
CA VAL A 323 -26.76 -33.34 1.12
C VAL A 323 -27.52 -33.15 2.43
N VAL A 324 -28.79 -33.56 2.48
CA VAL A 324 -29.58 -33.35 3.69
C VAL A 324 -29.47 -34.53 4.63
N PHE A 325 -29.16 -35.73 4.13
CA PHE A 325 -28.99 -36.87 5.02
C PHE A 325 -27.68 -36.78 5.78
N ARG A 326 -26.60 -36.37 5.10
CA ARG A 326 -25.31 -36.25 5.76
C ARG A 326 -25.34 -35.18 6.83
N LEU A 327 -26.01 -34.07 6.57
CA LEU A 327 -26.13 -33.02 7.58
C LEU A 327 -26.92 -33.50 8.78
N GLN A 328 -28.01 -34.25 8.54
CA GLN A 328 -28.77 -34.79 9.64
C GLN A 328 -27.96 -35.80 10.45
N GLU A 329 -27.07 -36.54 9.79
CA GLU A 329 -26.15 -37.41 10.52
C GLU A 329 -25.19 -36.60 11.37
N PHE A 330 -24.80 -35.42 10.89
CA PHE A 330 -23.89 -34.57 11.66
C PHE A 330 -24.59 -34.03 12.91
N ILE A 331 -25.81 -33.52 12.76
CA ILE A 331 -26.55 -33.02 13.91
C ILE A 331 -26.83 -34.14 14.91
N ASP A 332 -26.99 -35.37 14.41
CA ASP A 332 -27.25 -36.49 15.31
C ASP A 332 -26.04 -36.77 16.19
N GLU A 333 -24.83 -36.70 15.62
CA GLU A 333 -23.61 -36.96 16.40
C GLU A 333 -23.26 -35.85 17.36
N VAL A 334 -24.13 -34.86 17.53
CA VAL A 334 -23.94 -33.82 18.53
C VAL A 334 -24.98 -33.89 19.64
N MET A 335 -26.16 -34.44 19.38
CA MET A 335 -27.21 -34.56 20.39
C MET A 335 -27.27 -35.95 21.00
N GLY A 336 -27.41 -36.99 20.17
CA GLY A 336 -27.47 -38.35 20.66
C GLY A 336 -28.82 -39.00 20.45
N PRO A 357 -17.84 -30.42 26.03
CA PRO A 357 -18.12 -28.99 26.04
C PRO A 357 -17.33 -28.24 24.97
N PHE A 358 -17.54 -28.60 23.70
CA PHE A 358 -16.78 -27.97 22.63
C PHE A 358 -17.18 -26.51 22.46
N ARG A 359 -18.47 -26.21 22.61
CA ARG A 359 -19.03 -24.86 22.66
C ARG A 359 -18.81 -24.06 21.39
N THR A 360 -18.31 -24.69 20.33
CA THR A 360 -18.26 -24.06 19.02
C THR A 360 -19.10 -24.81 18.00
N TYR A 361 -18.92 -26.13 17.89
CA TYR A 361 -19.82 -26.92 17.05
C TYR A 361 -21.27 -26.77 17.50
N GLN A 362 -21.50 -26.71 18.81
CA GLN A 362 -22.84 -26.43 19.31
C GLN A 362 -23.38 -25.12 18.74
N ALA A 363 -22.54 -24.09 18.71
CA ALA A 363 -22.94 -22.84 18.09
C ALA A 363 -23.10 -22.98 16.59
N PHE A 364 -22.45 -23.97 15.97
CA PHE A 364 -22.57 -24.17 14.53
C PHE A 364 -23.80 -24.99 14.17
N MET A 365 -24.03 -26.09 14.88
CA MET A 365 -25.21 -26.91 14.58
C MET A 365 -26.49 -26.15 14.89
N TRP A 366 -26.49 -25.38 15.99
CA TRP A 366 -27.68 -24.60 16.31
C TRP A 366 -28.01 -23.60 15.22
N ALA A 367 -26.99 -23.09 14.52
CA ALA A 367 -27.24 -22.27 13.34
C ALA A 367 -27.73 -23.13 12.18
N LEU A 368 -27.09 -24.27 11.96
CA LEU A 368 -27.55 -25.18 10.90
C LEU A 368 -28.95 -25.69 11.19
N TYR A 369 -29.21 -26.10 12.42
CA TYR A 369 -30.54 -26.58 12.79
C TYR A 369 -31.58 -25.48 12.67
N LYS A 370 -31.19 -24.24 12.95
CA LYS A 370 -32.13 -23.12 12.83
C LYS A 370 -32.56 -22.91 11.39
N TYR A 371 -31.73 -23.31 10.43
CA TYR A 371 -32.09 -23.14 9.03
C TYR A 371 -33.16 -24.12 8.60
N PHE A 372 -33.07 -25.37 9.09
CA PHE A 372 -33.99 -26.40 8.63
C PHE A 372 -35.42 -26.11 9.09
N ILE A 373 -35.59 -25.58 10.30
CA ILE A 373 -36.93 -25.26 10.80
C ILE A 373 -37.58 -24.20 9.92
N SER A 374 -36.83 -23.16 9.56
CA SER A 374 -37.33 -22.18 8.60
C SER A 374 -37.44 -22.76 7.20
N PHE A 375 -36.86 -23.94 6.96
CA PHE A 375 -36.95 -24.61 5.67
C PHE A 375 -38.01 -25.70 5.65
N LYS A 376 -38.08 -26.51 6.70
CA LYS A 376 -39.06 -27.60 6.72
C LYS A 376 -40.48 -27.07 6.68
N GLU A 377 -40.71 -25.85 7.18
CA GLU A 377 -42.03 -25.26 7.08
C GLU A 377 -42.44 -25.06 5.63
N GLU A 378 -41.49 -24.69 4.78
CA GLU A 378 -41.77 -24.60 3.35
C GLU A 378 -42.10 -25.96 2.74
N LEU A 379 -41.64 -27.04 3.36
CA LEU A 379 -41.93 -28.38 2.88
C LEU A 379 -43.29 -28.87 3.36
N ALA A 380 -43.53 -28.81 4.66
CA ALA A 380 -44.82 -29.25 5.19
C ALA A 380 -45.98 -28.46 4.60
N GLU A 381 -45.75 -27.20 4.27
CA GLU A 381 -46.80 -26.39 3.66
C GLU A 381 -47.22 -26.95 2.31
N ILE A 382 -46.26 -27.44 1.53
CA ILE A 382 -46.60 -28.01 0.22
C ILE A 382 -47.47 -29.24 0.40
N GLU A 383 -47.16 -30.09 1.37
CA GLU A 383 -47.95 -31.29 1.58
C GLU A 383 -49.40 -30.97 1.92
N LYS A 384 -49.64 -29.79 2.50
CA LYS A 384 -51.02 -29.39 2.79
C LYS A 384 -51.83 -29.26 1.51
N CYS A 385 -51.27 -28.58 0.50
CA CYS A 385 -51.96 -28.42 -0.77
C CYS A 385 -52.05 -29.72 -1.55
N ILE A 386 -51.53 -30.83 -1.04
CA ILE A 386 -51.66 -32.11 -1.72
C ILE A 386 -52.92 -32.85 -1.28
N ILE A 387 -53.24 -32.78 0.02
CA ILE A 387 -54.41 -33.50 0.51
C ILE A 387 -55.68 -32.73 0.19
N ASN A 388 -55.66 -31.41 0.35
CA ASN A 388 -56.84 -30.60 0.11
C ASN A 388 -56.97 -30.20 -1.36
N THR A 391 -56.48 -28.15 -6.68
CA THR A 391 -55.32 -27.76 -7.47
C THR A 391 -54.49 -28.98 -7.85
N THR A 392 -54.13 -29.08 -9.12
CA THR A 392 -53.31 -30.18 -9.59
C THR A 392 -51.85 -29.93 -9.25
N ILE A 393 -51.13 -31.01 -8.94
CA ILE A 393 -49.71 -30.95 -8.60
C ILE A 393 -49.03 -32.18 -9.16
N THR A 394 -47.93 -31.98 -9.88
CA THR A 394 -47.16 -33.09 -10.43
C THR A 394 -45.67 -32.80 -10.20
N LEU A 395 -44.81 -33.62 -10.82
CA LEU A 395 -43.39 -33.56 -10.55
C LEU A 395 -42.78 -32.24 -11.00
N ALA A 396 -43.02 -31.86 -12.26
CA ALA A 396 -42.34 -30.72 -12.85
C ALA A 396 -42.72 -29.40 -12.20
N ILE A 397 -43.69 -29.42 -11.29
CA ILE A 397 -44.13 -28.20 -10.61
C ILE A 397 -43.47 -28.06 -9.24
N VAL A 398 -43.36 -29.14 -8.49
CA VAL A 398 -42.77 -29.05 -7.16
C VAL A 398 -41.28 -28.75 -7.25
N VAL A 399 -40.63 -29.22 -8.31
CA VAL A 399 -39.20 -28.96 -8.47
C VAL A 399 -38.96 -27.48 -8.73
N ASP A 400 -39.64 -26.93 -9.73
CA ASP A 400 -39.46 -25.52 -10.04
C ASP A 400 -39.90 -24.63 -8.88
N LYS A 401 -40.88 -25.08 -8.09
CA LYS A 401 -41.27 -24.31 -6.92
C LYS A 401 -40.16 -24.30 -5.88
N LEU A 402 -39.31 -25.33 -5.86
CA LEU A 402 -38.23 -25.45 -4.89
C LEU A 402 -36.90 -24.98 -5.44
N ALA A 403 -36.90 -24.20 -6.51
CA ALA A 403 -35.64 -23.72 -7.08
C ALA A 403 -34.83 -22.87 -6.10
N PRO A 404 -35.39 -21.84 -5.46
CA PRO A 404 -34.57 -21.03 -4.53
C PRO A 404 -34.17 -21.77 -3.27
N ARG A 405 -34.57 -23.02 -3.10
CA ARG A 405 -34.12 -23.85 -1.98
C ARG A 405 -33.04 -24.83 -2.39
N LEU A 406 -33.26 -25.56 -3.49
CA LEU A 406 -32.24 -26.45 -4.00
C LEU A 406 -30.99 -25.70 -4.46
N SER A 407 -31.08 -24.39 -4.65
CA SER A 407 -29.88 -23.60 -4.90
C SER A 407 -29.13 -23.32 -3.60
N GLN A 408 -29.84 -22.85 -2.58
CA GLN A 408 -29.18 -22.58 -1.30
C GLN A 408 -28.62 -23.85 -0.67
N LEU A 409 -29.23 -25.00 -0.96
CA LEU A 409 -28.75 -26.24 -0.38
C LEU A 409 -27.43 -26.68 -0.99
N LYS A 410 -27.22 -26.41 -2.28
CA LYS A 410 -25.98 -26.82 -2.92
C LYS A 410 -24.77 -26.13 -2.30
N VAL A 411 -24.94 -24.88 -1.86
CA VAL A 411 -23.85 -24.17 -1.22
C VAL A 411 -23.39 -24.90 0.03
N LEU A 412 -24.34 -25.39 0.84
CA LEU A 412 -23.98 -26.06 2.08
C LEU A 412 -23.18 -27.33 1.82
N HIS A 413 -23.41 -28.00 0.69
CA HIS A 413 -22.63 -29.19 0.38
C HIS A 413 -21.16 -28.88 0.17
N LYS A 414 -20.83 -27.63 -0.18
CA LYS A 414 -19.44 -27.22 -0.34
C LYS A 414 -18.89 -26.51 0.89
N VAL A 415 -19.72 -25.77 1.62
CA VAL A 415 -19.26 -25.13 2.85
C VAL A 415 -19.01 -26.18 3.92
N PHE A 416 -19.90 -27.17 4.04
CA PHE A 416 -19.74 -28.20 5.05
C PHE A 416 -18.68 -29.22 4.66
N SER A 417 -18.42 -29.38 3.36
CA SER A 417 -17.40 -30.34 2.92
C SER A 417 -16.04 -29.99 3.49
N THR A 418 -15.76 -28.71 3.73
CA THR A 418 -14.52 -28.28 4.33
C THR A 418 -14.54 -28.34 5.85
N GLY A 419 -15.71 -28.46 6.46
CA GLY A 419 -15.85 -28.66 7.89
C GLY A 419 -16.01 -30.10 8.31
N VAL A 420 -15.82 -31.06 7.42
CA VAL A 420 -15.96 -32.48 7.76
C VAL A 420 -14.67 -33.20 7.39
N ALA A 421 -13.92 -32.66 6.44
CA ALA A 421 -12.69 -33.28 5.98
C ALA A 421 -11.51 -33.03 6.91
N GLU A 422 -11.78 -32.57 8.14
CA GLU A 422 -10.75 -32.30 9.14
C GLU A 422 -9.73 -31.28 8.63
N THR A 427 -6.75 -33.03 14.09
CA THR A 427 -7.47 -33.84 15.06
C THR A 427 -7.67 -33.08 16.35
N ARG A 428 -6.73 -32.19 16.67
CA ARG A 428 -6.84 -31.37 17.86
C ARG A 428 -8.04 -30.44 17.76
N ASN A 429 -8.60 -30.10 18.91
CA ASN A 429 -9.82 -29.28 18.93
C ASN A 429 -9.56 -27.85 18.48
N VAL A 430 -8.31 -27.38 18.51
CA VAL A 430 -8.03 -26.00 18.13
C VAL A 430 -7.85 -25.84 16.63
N VAL A 431 -7.51 -26.90 15.91
CA VAL A 431 -7.38 -26.81 14.47
C VAL A 431 -8.71 -27.13 13.78
N ARG A 432 -9.57 -27.93 14.42
CA ARG A 432 -10.86 -28.24 13.83
C ARG A 432 -11.82 -27.08 13.90
N ALA A 433 -11.65 -26.20 14.89
CA ALA A 433 -12.53 -25.05 15.04
C ALA A 433 -12.00 -23.81 14.33
N SER A 434 -10.68 -23.64 14.31
CA SER A 434 -10.10 -22.51 13.58
C SER A 434 -10.29 -22.67 12.08
N HIS A 435 -9.98 -23.86 11.56
CA HIS A 435 -10.12 -24.08 10.12
C HIS A 435 -11.57 -24.01 9.67
N LEU A 436 -12.51 -24.33 10.55
CA LEU A 436 -13.92 -24.19 10.19
C LEU A 436 -14.33 -22.72 10.15
N LEU A 437 -14.07 -22.00 11.24
CA LEU A 437 -14.49 -20.60 11.30
C LEU A 437 -13.80 -19.75 10.24
N ASN A 438 -12.61 -20.14 9.82
CA ASN A 438 -11.91 -19.38 8.79
C ASN A 438 -12.43 -19.69 7.40
N THR A 439 -12.99 -20.88 7.20
CA THR A 439 -13.54 -21.21 5.89
C THR A 439 -14.76 -20.35 5.56
N LEU A 440 -15.55 -20.00 6.57
CA LEU A 440 -16.72 -19.16 6.33
C LEU A 440 -16.32 -17.78 5.86
N TYR A 441 -15.44 -17.11 6.61
CA TYR A 441 -15.00 -15.76 6.25
C TYR A 441 -14.34 -15.73 4.88
N LYS A 442 -13.76 -16.85 4.43
CA LYS A 442 -13.23 -16.89 3.07
C LYS A 442 -14.33 -17.16 2.05
N ALA A 443 -15.27 -18.04 2.39
CA ALA A 443 -16.31 -18.40 1.43
C ALA A 443 -17.29 -17.27 1.17
N ILE A 444 -17.43 -16.32 2.10
CA ILE A 444 -18.35 -15.22 1.85
C ILE A 444 -17.72 -14.20 0.91
N LEU A 445 -16.43 -13.89 1.10
CA LEU A 445 -15.75 -12.95 0.22
C LEU A 445 -15.76 -13.42 -1.23
N GLU A 446 -15.97 -14.72 -1.47
CA GLU A 446 -16.17 -15.18 -2.84
C GLU A 446 -17.53 -14.77 -3.39
N TYR A 447 -18.51 -14.60 -2.51
CA TYR A 447 -19.88 -14.26 -2.90
C TYR A 447 -20.20 -12.80 -2.63
N ASP A 448 -19.25 -11.90 -2.82
CA ASP A 448 -19.49 -10.48 -2.59
C ASP A 448 -19.44 -9.70 -3.91
N GLU A 455 -29.98 -10.60 -3.99
CA GLU A 455 -29.04 -11.36 -3.18
C GLU A 455 -29.74 -12.10 -2.06
N GLN A 456 -29.60 -13.43 -2.04
CA GLN A 456 -30.17 -14.21 -0.96
C GLN A 456 -29.14 -15.19 -0.42
N THR A 457 -28.18 -15.58 -1.26
CA THR A 457 -27.15 -16.52 -0.81
C THR A 457 -26.22 -15.87 0.21
N VAL A 458 -25.96 -14.57 0.08
CA VAL A 458 -25.09 -13.90 1.05
C VAL A 458 -25.80 -13.74 2.39
N SER A 459 -27.13 -13.59 2.37
CA SER A 459 -27.85 -13.47 3.63
C SER A 459 -27.83 -14.78 4.41
N LEU A 460 -27.75 -15.91 3.72
CA LEU A 460 -27.67 -17.20 4.40
C LEU A 460 -26.32 -17.38 5.08
N LEU A 461 -25.23 -17.18 4.34
CA LEU A 461 -23.90 -17.38 4.91
C LEU A 461 -23.64 -16.42 6.05
N PHE A 462 -24.11 -15.18 5.92
CA PHE A 462 -23.91 -14.20 6.99
C PHE A 462 -24.66 -14.61 8.26
N SER A 463 -25.95 -14.92 8.13
CA SER A 463 -26.71 -15.40 9.28
C SER A 463 -26.16 -16.71 9.81
N LEU A 464 -25.46 -17.49 8.98
CA LEU A 464 -24.80 -18.69 9.46
C LEU A 464 -23.45 -18.37 10.09
N TRP A 465 -22.84 -17.24 9.75
CA TRP A 465 -21.56 -16.87 10.31
C TRP A 465 -21.70 -16.35 11.73
N VAL A 466 -22.62 -15.40 11.94
CA VAL A 466 -22.75 -14.74 13.23
C VAL A 466 -22.98 -15.75 14.34
N GLU A 467 -23.85 -16.75 14.08
CA GLU A 467 -24.12 -17.74 15.10
C GLU A 467 -22.98 -18.73 15.30
N THR A 468 -21.94 -18.68 14.46
CA THR A 468 -20.78 -19.54 14.64
C THR A 468 -19.61 -18.83 15.30
N VAL A 469 -19.52 -17.50 15.17
CA VAL A 469 -18.47 -16.75 15.85
C VAL A 469 -18.91 -16.29 17.23
N ARG A 470 -20.13 -16.63 17.65
CA ARG A 470 -20.59 -16.26 18.98
C ARG A 470 -19.69 -16.75 20.11
N PRO A 471 -19.13 -17.96 20.08
CA PRO A 471 -18.24 -18.36 21.18
C PRO A 471 -17.00 -17.48 21.31
N TYR A 472 -16.27 -17.23 20.23
CA TYR A 472 -15.07 -16.42 20.32
C TYR A 472 -15.39 -15.00 20.79
N LEU A 473 -16.43 -14.39 20.22
CA LEU A 473 -16.81 -13.04 20.62
C LEU A 473 -17.19 -12.99 22.10
N GLN A 474 -17.58 -14.11 22.69
CA GLN A 474 -17.91 -14.14 24.11
C GLN A 474 -16.64 -14.17 24.96
N THR A 475 -15.76 -15.14 24.70
CA THR A 475 -14.55 -15.27 25.49
C THR A 475 -13.65 -14.04 25.35
N VAL A 476 -13.62 -13.44 24.16
CA VAL A 476 -12.82 -12.24 23.97
C VAL A 476 -13.32 -11.12 24.88
N ASP A 477 -14.63 -10.87 24.87
CA ASP A 477 -15.20 -9.89 25.79
C ASP A 477 -14.98 -10.31 27.24
N GLU A 478 -15.24 -11.58 27.54
CA GLU A 478 -15.07 -12.07 28.91
C GLU A 478 -13.64 -11.92 29.38
N TRP A 479 -12.67 -12.17 28.51
CA TRP A 479 -11.27 -11.96 28.88
C TRP A 479 -10.99 -10.49 29.15
N ILE A 480 -11.65 -9.59 28.42
CA ILE A 480 -11.34 -8.17 28.56
C ILE A 480 -11.87 -7.63 29.89
N VAL A 481 -13.18 -7.73 30.11
CA VAL A 481 -13.78 -7.07 31.26
C VAL A 481 -13.53 -7.85 32.54
N HIS A 482 -13.58 -9.18 32.47
CA HIS A 482 -13.36 -10.00 33.66
C HIS A 482 -11.90 -10.35 33.87
N GLY A 483 -10.99 -9.85 33.03
CA GLY A 483 -9.57 -9.94 33.27
C GLY A 483 -8.98 -11.34 33.23
N HIS A 484 -9.76 -12.37 32.93
CA HIS A 484 -9.24 -13.72 32.84
C HIS A 484 -9.85 -14.44 31.65
N LEU A 485 -9.07 -15.35 31.08
CA LEU A 485 -9.51 -16.14 29.93
C LEU A 485 -10.13 -17.44 30.44
N TRP A 486 -11.41 -17.63 30.17
CA TRP A 486 -12.17 -18.79 30.65
C TRP A 486 -12.47 -19.66 29.43
N ASP A 487 -11.56 -20.59 29.14
CA ASP A 487 -11.66 -21.44 27.97
C ASP A 487 -11.92 -22.88 28.40
N GLY A 488 -12.50 -23.65 27.48
CA GLY A 488 -12.74 -25.06 27.70
C GLY A 488 -12.11 -25.92 26.62
N ALA A 489 -11.41 -26.97 27.04
CA ALA A 489 -10.69 -27.87 26.14
C ALA A 489 -9.67 -27.13 25.29
N ARG A 490 -9.17 -25.99 25.77
CA ARG A 490 -8.22 -25.16 25.03
C ARG A 490 -8.75 -24.83 23.64
N GLU A 491 -10.03 -24.46 23.58
CA GLU A 491 -10.66 -24.15 22.31
C GLU A 491 -10.03 -22.93 21.66
N PHE A 492 -9.78 -21.88 22.44
CA PHE A 492 -9.18 -20.67 21.92
C PHE A 492 -7.79 -20.94 21.36
N ILE A 493 -7.35 -20.07 20.45
CA ILE A 493 -6.06 -20.26 19.80
C ILE A 493 -4.90 -20.01 20.75
N ILE A 494 -5.11 -19.27 21.84
CA ILE A 494 -4.03 -18.93 22.77
C ILE A 494 -4.00 -20.03 23.83
N GLN A 495 -3.24 -21.08 23.56
CA GLN A 495 -3.11 -22.21 24.47
C GLN A 495 -2.18 -21.83 25.60
N ARG A 496 -2.76 -21.29 26.68
CA ARG A 496 -1.99 -20.86 27.83
C ARG A 496 -1.61 -22.05 28.71
N THR A 547 -2.84 -21.97 11.96
CA THR A 547 -3.12 -22.11 13.38
C THR A 547 -3.74 -20.84 13.94
N MET A 548 -4.10 -19.92 13.04
CA MET A 548 -4.70 -18.65 13.44
C MET A 548 -5.71 -18.24 12.39
N VAL A 549 -6.86 -17.75 12.84
CA VAL A 549 -7.91 -17.26 11.95
C VAL A 549 -7.64 -15.80 11.62
N SER A 550 -7.59 -15.49 10.33
CA SER A 550 -7.33 -14.12 9.89
C SER A 550 -8.53 -13.21 10.06
N PHE A 551 -9.63 -13.72 10.61
CA PHE A 551 -10.80 -12.90 10.86
C PHE A 551 -10.46 -11.70 11.74
N LEU A 552 -9.88 -11.97 12.91
CA LEU A 552 -9.58 -10.93 13.89
C LEU A 552 -8.11 -10.55 13.91
N LYS A 553 -7.33 -11.02 12.94
CA LYS A 553 -5.91 -10.71 12.91
C LYS A 553 -5.59 -9.21 12.88
N PRO A 554 -6.25 -8.39 12.06
CA PRO A 554 -5.84 -6.97 11.99
C PRO A 554 -5.97 -6.21 13.31
N VAL A 555 -6.56 -6.80 14.34
CA VAL A 555 -6.72 -6.10 15.61
C VAL A 555 -6.24 -7.01 16.75
N LEU A 556 -5.70 -8.17 16.39
CA LEU A 556 -5.30 -9.16 17.40
C LEU A 556 -4.30 -8.56 18.39
N LYS A 557 -3.36 -7.75 17.92
CA LYS A 557 -2.36 -7.18 18.80
C LYS A 557 -3.01 -6.33 19.89
N GLN A 558 -4.11 -5.64 19.57
CA GLN A 558 -4.79 -4.83 20.57
C GLN A 558 -5.59 -5.66 21.56
N ILE A 559 -5.72 -6.98 21.33
CA ILE A 559 -6.46 -7.84 22.24
C ILE A 559 -5.53 -8.36 23.32
N ILE A 560 -4.48 -9.07 22.91
CA ILE A 560 -3.55 -9.66 23.87
C ILE A 560 -2.95 -8.58 24.76
N MET A 561 -2.52 -7.48 24.17
CA MET A 561 -1.96 -6.35 24.91
C MET A 561 -3.00 -5.68 25.81
N ALA A 562 -4.29 -5.98 25.62
CA ALA A 562 -5.32 -5.56 26.55
C ALA A 562 -5.68 -6.64 27.56
N GLY A 563 -5.66 -7.91 27.14
CA GLY A 563 -5.96 -9.00 28.05
C GLY A 563 -4.96 -9.12 29.16
N LYS A 564 -3.68 -9.28 28.82
CA LYS A 564 -2.65 -9.43 29.83
C LYS A 564 -2.56 -8.20 30.72
N SER A 565 -2.74 -7.01 30.13
CA SER A 565 -2.69 -5.78 30.92
C SER A 565 -3.82 -5.72 31.94
N MET A 566 -4.97 -6.34 31.61
CA MET A 566 -6.08 -6.33 32.56
C MET A 566 -5.82 -7.27 33.72
N GLN A 567 -5.15 -8.40 33.46
CA GLN A 567 -4.90 -9.36 34.52
C GLN A 567 -4.00 -8.77 35.61
N LEU A 568 -3.08 -7.89 35.24
CA LEU A 568 -2.21 -7.23 36.22
C LEU A 568 -2.92 -6.12 36.97
N LEU A 569 -4.18 -5.84 36.66
CA LEU A 569 -4.92 -4.80 37.35
C LEU A 569 -5.71 -5.34 38.53
N LYS A 570 -6.34 -6.51 38.37
CA LYS A 570 -7.13 -7.08 39.46
C LYS A 570 -6.26 -7.48 40.64
N ASN A 571 -4.99 -7.80 40.39
CA ASN A 571 -4.07 -8.11 41.48
C ASN A 571 -3.61 -6.87 42.23
N LEU A 572 -3.95 -5.68 41.75
CA LEU A 572 -3.52 -4.44 42.38
C LEU A 572 -4.70 -3.70 42.97
N GLU A 637 -20.60 -8.22 26.71
CA GLU A 637 -21.77 -7.99 25.87
C GLU A 637 -21.36 -7.58 24.47
N LEU A 638 -20.21 -8.09 24.01
CA LEU A 638 -19.69 -7.69 22.71
C LEU A 638 -20.57 -8.20 21.57
N ASP A 639 -20.97 -9.47 21.64
CA ASP A 639 -21.88 -10.01 20.62
C ASP A 639 -23.18 -9.23 20.58
N ASP A 640 -23.64 -8.76 21.73
CA ASP A 640 -24.83 -7.91 21.80
C ASP A 640 -24.55 -6.48 21.37
N VAL A 641 -23.36 -6.20 20.84
CA VAL A 641 -23.04 -4.93 20.22
C VAL A 641 -22.86 -5.07 18.71
N HIS A 642 -22.27 -6.18 18.28
CA HIS A 642 -22.10 -6.41 16.85
C HIS A 642 -23.44 -6.56 16.14
N ASP A 643 -24.39 -7.25 16.77
CA ASP A 643 -25.70 -7.45 16.15
C ASP A 643 -26.46 -6.14 15.98
N PRO A 644 -26.54 -5.24 16.97
CA PRO A 644 -27.20 -3.95 16.71
C PRO A 644 -26.52 -3.13 15.62
N LEU A 645 -25.22 -3.33 15.39
CA LEU A 645 -24.57 -2.64 14.29
C LEU A 645 -25.19 -3.00 12.95
N LEU A 646 -25.70 -4.23 12.82
CA LEU A 646 -26.34 -4.64 11.57
C LEU A 646 -27.63 -3.87 11.32
N ALA A 647 -28.25 -3.32 12.36
CA ALA A 647 -29.52 -2.62 12.18
C ALA A 647 -29.31 -1.26 11.53
N ILE A 648 -28.38 -0.47 12.05
CA ILE A 648 -28.13 0.86 11.52
C ILE A 648 -27.43 0.76 10.16
N THR A 682 -19.25 -3.98 0.01
CA THR A 682 -19.45 -3.21 1.23
C THR A 682 -19.96 -4.10 2.36
N PHE A 683 -19.80 -5.40 2.20
CA PHE A 683 -20.27 -6.38 3.17
C PHE A 683 -19.10 -7.19 3.69
N GLU A 684 -18.93 -7.17 5.02
CA GLU A 684 -17.99 -7.99 5.78
C GLU A 684 -16.53 -7.61 5.53
N LEU A 685 -16.25 -6.67 4.63
CA LEU A 685 -14.90 -6.15 4.48
C LEU A 685 -14.83 -4.70 4.97
N THR A 686 -15.67 -3.82 4.44
CA THR A 686 -15.85 -2.50 5.04
C THR A 686 -16.83 -2.57 6.21
N LEU A 687 -17.85 -3.42 6.10
CA LEU A 687 -18.81 -3.58 7.19
C LEU A 687 -18.13 -4.10 8.45
N ARG A 688 -17.24 -5.08 8.29
CA ARG A 688 -16.50 -5.60 9.44
C ARG A 688 -15.59 -4.53 10.04
N SER A 689 -15.16 -3.56 9.23
CA SER A 689 -14.30 -2.49 9.71
C SER A 689 -15.02 -1.53 10.66
N CYS A 690 -16.31 -1.75 10.93
CA CYS A 690 -17.02 -0.97 11.93
C CYS A 690 -17.20 -1.72 13.24
N LEU A 691 -16.84 -3.00 13.29
CA LEU A 691 -16.89 -3.74 14.55
C LEU A 691 -15.75 -3.32 15.48
N TYR A 692 -14.56 -3.12 14.93
CA TYR A 692 -13.39 -2.83 15.75
C TYR A 692 -13.52 -1.59 16.63
N PRO A 693 -14.22 -0.51 16.24
CA PRO A 693 -14.43 0.58 17.19
C PRO A 693 -15.03 0.14 18.52
N HIS A 694 -15.76 -0.97 18.56
CA HIS A 694 -16.26 -1.49 19.82
C HIS A 694 -15.13 -2.16 20.61
N ILE A 695 -14.21 -2.83 19.91
CA ILE A 695 -13.12 -3.53 20.57
C ILE A 695 -11.90 -2.64 20.78
N ASP A 696 -11.83 -1.49 20.12
CA ASP A 696 -10.67 -0.62 20.25
C ASP A 696 -10.84 0.42 21.34
N LYS A 697 -12.01 1.07 21.40
CA LYS A 697 -12.26 2.02 22.48
C LYS A 697 -12.26 1.31 23.83
N GLN A 698 -12.86 0.13 23.90
CA GLN A 698 -12.79 -0.66 25.12
C GLN A 698 -11.34 -0.94 25.51
N TYR A 699 -10.50 -1.25 24.53
CA TYR A 699 -9.08 -1.45 24.81
C TYR A 699 -8.44 -0.17 25.33
N LEU A 700 -8.74 0.96 24.67
CA LEU A 700 -8.09 2.21 25.03
C LEU A 700 -8.31 2.58 26.49
N ASP A 701 -9.48 2.23 27.04
CA ASP A 701 -9.72 2.49 28.46
C ASP A 701 -8.86 1.60 29.34
N CYS A 702 -8.72 0.31 28.97
CA CYS A 702 -7.98 -0.62 29.81
C CYS A 702 -6.51 -0.23 29.90
N CYS A 703 -5.85 -0.06 28.75
CA CYS A 703 -4.44 0.32 28.76
C CYS A 703 -4.25 1.69 29.40
N GLY A 704 -5.17 2.62 29.11
CA GLY A 704 -5.13 3.91 29.76
C GLY A 704 -5.40 3.86 31.25
N ASN A 705 -6.07 2.80 31.71
CA ASN A 705 -6.32 2.65 33.15
C ASN A 705 -5.08 2.15 33.88
N LEU A 706 -4.36 1.20 33.29
CA LEU A 706 -3.17 0.67 33.94
C LEU A 706 -2.10 1.75 34.08
N MET A 707 -1.84 2.49 33.00
CA MET A 707 -0.88 3.59 33.08
C MET A 707 -1.33 4.65 34.06
N GLN A 708 -2.65 4.89 34.15
CA GLN A 708 -3.17 5.87 35.09
C GLN A 708 -2.84 5.48 36.52
N THR A 709 -3.19 4.25 36.91
CA THR A 709 -2.90 3.79 38.27
C THR A 709 -1.42 3.50 38.48
N LEU A 710 -0.59 3.59 37.44
CA LEU A 710 0.83 3.34 37.64
C LEU A 710 1.58 4.61 38.01
N LYS A 711 0.89 5.76 37.98
CA LYS A 711 1.54 7.02 38.30
C LYS A 711 1.83 7.13 39.80
N LYS A 712 0.83 6.85 40.63
CA LYS A 712 0.99 6.73 42.07
C LYS A 712 0.70 5.28 42.40
N ASP A 713 0.88 4.89 43.67
CA ASP A 713 0.43 3.58 44.10
C ASP A 713 1.09 2.47 43.29
N TYR A 714 2.38 2.22 43.56
CA TYR A 714 3.32 1.57 42.64
C TYR A 714 3.75 2.55 41.55
N ARG A 715 4.09 3.76 41.99
CA ARG A 715 4.57 4.82 41.11
C ARG A 715 5.71 4.33 40.23
N LEU A 716 5.86 4.97 39.06
CA LEU A 716 6.92 4.65 38.12
C LEU A 716 7.71 5.88 37.68
N VAL A 717 7.05 7.03 37.54
CA VAL A 717 7.73 8.21 37.02
C VAL A 717 8.77 8.71 38.02
N GLU A 718 8.48 8.61 39.32
CA GLU A 718 9.46 8.99 40.32
C GLU A 718 10.46 7.88 40.59
N TYR A 719 10.08 6.62 40.35
CA TYR A 719 11.00 5.50 40.47
C TYR A 719 11.99 5.47 39.32
N LEU A 720 11.57 5.93 38.14
CA LEU A 720 12.44 5.90 36.98
C LEU A 720 13.45 7.03 37.02
N GLN A 721 13.00 8.25 37.35
CA GLN A 721 13.89 9.40 37.35
C GLN A 721 14.98 9.26 38.40
N ALA A 722 14.63 8.78 39.60
CA ALA A 722 15.62 8.60 40.64
C ALA A 722 16.66 7.57 40.26
N MET A 723 16.28 6.58 39.44
CA MET A 723 17.24 5.59 38.98
C MET A 723 18.37 6.24 38.20
N ARG A 724 18.03 7.00 37.17
CA ARG A 724 19.02 7.73 36.39
C ARG A 724 19.50 8.99 37.10
N ASN A 725 19.15 9.19 38.36
CA ASN A 725 19.61 10.33 39.14
C ASN A 725 20.70 9.95 40.13
N PHE A 726 20.53 8.83 40.86
CA PHE A 726 21.54 8.39 41.79
C PHE A 726 22.84 8.00 41.10
N PHE A 727 22.85 7.93 39.77
CA PHE A 727 24.08 7.95 39.00
C PHE A 727 23.82 8.75 37.74
N LEU A 728 24.85 8.89 36.90
CA LEU A 728 24.86 9.83 35.78
C LEU A 728 24.73 11.27 36.29
N ASP A 733 25.99 18.28 44.23
CA ASP A 733 25.43 16.99 43.87
C ASP A 733 25.66 15.96 44.96
N THR A 734 25.27 14.72 44.68
CA THR A 734 25.40 13.62 45.64
C THR A 734 26.64 12.77 45.34
N MET A 735 26.74 12.24 44.12
CA MET A 735 27.87 11.39 43.76
C MET A 735 29.19 12.13 43.69
N TYR A 736 29.19 13.44 43.91
CA TYR A 736 30.44 14.19 43.95
C TYR A 736 31.24 13.81 45.19
N ASP A 737 30.62 13.87 46.37
CA ASP A 737 31.31 13.51 47.59
C ASP A 737 31.62 12.02 47.65
N PHE A 738 30.80 11.19 46.99
CA PHE A 738 30.99 9.75 47.08
C PHE A 738 32.30 9.33 46.42
N TYR A 739 32.55 9.75 45.19
CA TYR A 739 33.74 9.31 44.48
C TYR A 739 35.00 9.93 45.05
N THR A 740 34.93 11.17 45.54
CA THR A 740 36.10 11.83 46.10
C THR A 740 36.69 11.04 47.27
N SER A 741 35.83 10.37 48.05
CA SER A 741 36.34 9.52 49.11
C SER A 741 37.09 8.32 48.55
N ILE A 742 36.70 7.84 47.38
CA ILE A 742 37.38 6.70 46.77
C ILE A 742 38.74 7.09 46.22
N PHE A 743 38.93 8.37 45.89
CA PHE A 743 40.22 8.81 45.36
C PHE A 743 41.34 8.56 46.36
N ASP A 744 41.17 9.01 47.60
CA ASP A 744 42.19 8.86 48.63
C ASP A 744 42.17 7.45 49.21
N GLN A 753 39.71 -1.87 47.27
CA GLN A 753 39.55 -1.51 48.67
C GLN A 753 38.63 -2.49 49.39
N ASN A 754 37.92 -2.00 50.39
CA ASN A 754 37.03 -2.83 51.20
C ASN A 754 35.62 -2.78 50.65
N VAL A 755 34.90 -3.91 50.79
CA VAL A 755 33.55 -4.01 50.25
C VAL A 755 32.49 -3.45 51.20
N SER A 756 32.75 -3.43 52.50
CA SER A 756 31.83 -2.83 53.46
C SER A 756 32.10 -1.36 53.70
N PHE A 757 33.35 -0.92 53.51
CA PHE A 757 33.69 0.48 53.68
C PHE A 757 32.87 1.37 52.76
N LEU A 758 32.68 0.95 51.51
CA LEU A 758 31.96 1.78 50.55
C LEU A 758 30.50 1.92 50.92
N ASN A 759 29.91 0.88 51.53
CA ASN A 759 28.47 0.89 51.80
C ASN A 759 28.11 2.02 52.77
N VAL A 760 28.85 2.12 53.88
CA VAL A 760 28.59 3.21 54.82
C VAL A 760 28.91 4.55 54.18
N GLN A 761 29.84 4.58 53.23
CA GLN A 761 30.10 5.80 52.49
C GLN A 761 28.95 6.13 51.55
N LEU A 762 28.46 5.13 50.81
CA LEU A 762 27.35 5.36 49.90
C LEU A 762 26.09 5.76 50.64
N GLN A 763 25.78 5.07 51.73
CA GLN A 763 24.59 5.40 52.52
C GLN A 763 24.68 6.76 53.20
N GLU A 764 25.87 7.35 53.26
CA GLU A 764 26.04 8.64 53.91
C GLU A 764 25.38 9.75 53.11
N LEU A 796 40.92 -1.86 38.38
CA LEU A 796 40.54 -0.46 38.19
C LEU A 796 39.09 -0.35 37.71
N ASP A 797 38.61 -1.41 37.03
CA ASP A 797 37.27 -1.41 36.47
C ASP A 797 36.42 -2.46 37.20
N GLY A 798 35.82 -2.03 38.29
CA GLY A 798 34.93 -2.88 39.06
C GLY A 798 33.71 -2.14 39.57
N LEU A 799 33.43 -2.26 40.86
CA LEU A 799 32.36 -1.52 41.53
C LEU A 799 31.01 -1.77 40.86
N THR A 800 30.58 -3.03 40.88
CA THR A 800 29.28 -3.38 40.33
C THR A 800 28.19 -2.88 41.26
N LEU A 801 27.29 -2.05 40.73
CA LEU A 801 26.21 -1.45 41.50
C LEU A 801 24.88 -2.08 41.07
N SER A 802 23.98 -2.27 42.04
CA SER A 802 22.66 -2.82 41.77
C SER A 802 21.63 -2.01 42.54
N TYR A 803 20.36 -2.43 42.43
CA TYR A 803 19.26 -1.70 43.03
C TYR A 803 18.17 -2.69 43.41
N LYS A 804 17.22 -2.22 44.21
CA LYS A 804 16.09 -3.02 44.67
C LYS A 804 14.84 -2.58 43.92
N VAL A 805 14.18 -3.54 43.28
CA VAL A 805 13.02 -3.25 42.44
C VAL A 805 11.82 -4.06 42.90
N PRO A 806 10.68 -3.41 43.17
CA PRO A 806 9.46 -4.16 43.48
C PRO A 806 8.90 -4.83 42.23
N TRP A 807 7.85 -5.62 42.42
CA TRP A 807 7.28 -6.42 41.35
C TRP A 807 6.53 -5.58 40.31
N PRO A 808 5.70 -4.61 40.69
CA PRO A 808 4.97 -3.84 39.66
C PRO A 808 5.87 -3.15 38.66
N VAL A 809 7.13 -2.87 39.01
CA VAL A 809 8.08 -2.26 38.09
C VAL A 809 9.18 -3.24 37.65
N ASP A 810 9.22 -4.44 38.26
CA ASP A 810 10.22 -5.43 37.88
C ASP A 810 10.16 -5.74 36.38
N ILE A 811 8.95 -5.79 35.83
CA ILE A 811 8.81 -6.14 34.41
C ILE A 811 9.42 -5.06 33.53
N VAL A 812 9.46 -3.82 33.99
CA VAL A 812 10.06 -2.75 33.20
C VAL A 812 11.57 -2.75 33.33
N ILE A 813 12.07 -2.61 34.56
CA ILE A 813 13.51 -2.59 34.82
C ILE A 813 13.92 -4.04 35.04
N SER A 814 14.21 -4.74 33.95
CA SER A 814 14.53 -6.16 34.02
C SER A 814 15.91 -6.37 34.64
N LEU A 815 16.31 -7.65 34.73
CA LEU A 815 17.60 -7.97 35.31
C LEU A 815 18.74 -7.61 34.35
N GLU A 816 18.60 -7.95 33.08
CA GLU A 816 19.60 -7.55 32.10
C GLU A 816 19.59 -6.05 31.85
N CYS A 817 18.65 -5.31 32.43
CA CYS A 817 18.65 -3.86 32.33
C CYS A 817 19.58 -3.22 33.36
N GLN A 818 19.81 -3.90 34.48
CA GLN A 818 20.71 -3.36 35.50
C GLN A 818 22.14 -3.29 35.00
N LYS A 819 22.56 -4.27 34.20
CA LYS A 819 23.95 -4.31 33.75
C LYS A 819 24.26 -3.15 32.81
N ILE A 820 23.34 -2.81 31.91
CA ILE A 820 23.57 -1.70 31.00
C ILE A 820 23.67 -0.40 31.78
N TYR A 821 22.76 -0.18 32.72
CA TYR A 821 22.87 0.98 33.60
C TYR A 821 24.16 0.94 34.41
N ASN A 822 24.59 -0.25 34.80
CA ASN A 822 25.90 -0.37 35.47
C ASN A 822 27.03 -0.18 34.49
N GLN A 823 26.85 -0.57 33.23
CA GLN A 823 27.91 -0.44 32.24
C GLN A 823 28.32 1.01 32.05
N VAL A 824 27.35 1.89 31.76
CA VAL A 824 27.68 3.29 31.55
C VAL A 824 28.13 3.97 32.84
N PHE A 825 27.76 3.42 33.99
CA PHE A 825 28.19 4.03 35.25
C PHE A 825 29.68 3.81 35.48
N LEU A 826 30.19 2.63 35.13
CA LEU A 826 31.61 2.35 35.28
C LEU A 826 32.44 3.30 34.42
N LEU A 827 32.12 3.39 33.14
CA LEU A 827 32.91 4.22 32.23
C LEU A 827 32.82 5.69 32.60
N LEU A 828 31.64 6.13 33.07
CA LEU A 828 31.48 7.54 33.41
C LEU A 828 32.43 7.94 34.53
N LEU A 829 32.62 7.06 35.52
CA LEU A 829 33.44 7.42 36.67
C LEU A 829 34.90 7.61 36.27
N GLN A 830 35.41 6.77 35.36
CA GLN A 830 36.77 6.92 34.90
C GLN A 830 37.01 8.29 34.28
N ILE A 831 35.97 8.88 33.68
CA ILE A 831 36.10 10.22 33.16
C ILE A 831 36.13 11.23 34.30
N LYS A 832 35.24 11.05 35.29
CA LYS A 832 35.30 11.89 36.48
C LYS A 832 36.63 11.74 37.20
N TRP A 833 37.20 10.53 37.17
CA TRP A 833 38.50 10.30 37.81
C TRP A 833 39.57 11.16 37.18
N ALA A 834 39.81 10.99 35.88
CA ALA A 834 40.84 11.76 35.20
C ALA A 834 40.57 13.25 35.28
N LYS A 835 39.31 13.65 35.17
CA LYS A 835 38.97 15.07 35.24
C LYS A 835 39.27 15.64 36.61
N TYR A 836 38.97 14.89 37.67
CA TYR A 836 39.24 15.38 39.02
C TYR A 836 40.70 15.24 39.40
N SER A 837 41.38 14.20 38.91
CA SER A 837 42.78 13.99 39.26
C SER A 837 43.65 15.12 38.72
N LEU A 838 43.36 15.58 37.52
CA LEU A 838 44.13 16.65 36.90
C LEU A 838 43.66 18.04 37.32
N ASP A 839 42.61 18.14 38.13
CA ASP A 839 42.07 19.43 38.53
C ASP A 839 42.22 19.72 40.02
N VAL A 840 42.39 18.69 40.86
CA VAL A 840 42.44 18.92 42.29
C VAL A 840 43.73 19.63 42.68
N LEU A 841 44.81 19.40 41.94
CA LEU A 841 46.08 20.04 42.25
C LEU A 841 46.08 21.48 41.76
N LEU A 842 47.17 22.19 42.04
CA LEU A 842 47.30 23.59 41.64
C LEU A 842 48.64 23.84 40.96
N GLN A 879 62.92 24.23 32.14
CA GLN A 879 61.86 23.28 31.84
C GLN A 879 61.01 23.01 33.07
N ILE A 880 61.10 23.90 34.05
CA ILE A 880 60.33 23.74 35.28
C ILE A 880 58.84 23.94 35.01
N HIS A 881 58.49 25.13 34.50
CA HIS A 881 57.11 25.39 34.13
C HIS A 881 56.68 24.66 32.87
N ARG A 882 57.59 23.94 32.21
CA ARG A 882 57.25 23.20 31.01
C ARG A 882 56.14 22.20 31.22
N MET A 883 55.94 21.75 32.47
CA MET A 883 54.86 20.82 32.76
C MET A 883 53.49 21.45 32.53
N PHE A 884 53.37 22.77 32.74
CA PHE A 884 52.08 23.41 32.59
C PHE A 884 51.61 23.42 31.14
N LEU A 885 52.53 23.59 30.19
CA LEU A 885 52.16 23.49 28.79
C LEU A 885 51.66 22.10 28.44
N LEU A 886 52.07 21.09 29.21
CA LEU A 886 51.50 19.76 29.06
C LEU A 886 50.20 19.59 29.83
N ARG A 887 49.92 20.47 30.79
CA ARG A 887 48.67 20.39 31.53
C ARG A 887 47.50 20.87 30.69
N VAL A 888 47.56 22.12 30.23
CA VAL A 888 46.48 22.68 29.44
C VAL A 888 46.30 21.89 28.15
N LYS A 889 47.40 21.39 27.57
CA LYS A 889 47.33 20.55 26.39
C LYS A 889 46.63 19.23 26.66
N LEU A 890 46.45 18.84 27.92
CA LEU A 890 45.79 17.60 28.28
C LEU A 890 44.53 17.83 29.08
N MET A 891 44.56 18.70 30.10
CA MET A 891 43.38 18.97 30.90
C MET A 891 42.21 19.44 30.03
N HIS A 892 42.50 20.17 28.95
CA HIS A 892 41.44 20.60 28.05
C HIS A 892 40.84 19.42 27.30
N PHE A 893 41.69 18.47 26.88
CA PHE A 893 41.19 17.36 26.07
C PHE A 893 40.21 16.50 26.85
N VAL A 894 40.58 16.10 28.07
CA VAL A 894 39.67 15.31 28.90
C VAL A 894 38.43 16.12 29.22
N ASN A 895 38.60 17.41 29.52
CA ASN A 895 37.44 18.26 29.79
C ASN A 895 36.52 18.36 28.58
N SER A 896 37.09 18.31 27.37
CA SER A 896 36.25 18.34 26.17
C SER A 896 35.43 17.07 26.03
N LEU A 897 36.06 15.91 26.24
CA LEU A 897 35.34 14.65 26.13
C LEU A 897 34.23 14.56 27.17
N HIS A 898 34.51 15.00 28.40
CA HIS A 898 33.49 14.96 29.44
C HIS A 898 32.31 15.85 29.09
N ASN A 899 32.56 16.99 28.46
CA ASN A 899 31.48 17.85 28.02
C ASN A 899 30.66 17.23 26.91
N TYR A 900 31.19 16.23 26.23
CA TYR A 900 30.49 15.58 25.12
C TYR A 900 29.59 14.45 25.61
N ILE A 901 30.09 13.61 26.50
CA ILE A 901 29.31 12.46 26.97
C ILE A 901 28.16 12.93 27.84
N MET A 902 28.45 13.77 28.83
CA MET A 902 27.43 14.14 29.81
C MET A 902 26.38 15.07 29.21
N THR A 903 26.82 16.13 28.52
CA THR A 903 25.87 17.17 28.12
C THR A 903 25.12 16.79 26.85
N ARG A 904 25.83 16.60 25.74
CA ARG A 904 25.14 16.42 24.47
C ARG A 904 24.72 14.99 24.20
N ILE A 905 24.93 14.06 25.14
CA ILE A 905 24.41 12.71 24.98
C ILE A 905 23.57 12.33 26.18
N LEU A 906 24.19 12.33 27.36
CA LEU A 906 23.49 11.94 28.58
C LEU A 906 22.45 12.95 29.05
N HIS A 907 22.31 14.07 28.35
CA HIS A 907 21.24 15.02 28.64
C HIS A 907 20.34 15.30 27.45
N SER A 908 20.79 15.02 26.22
CA SER A 908 19.92 15.19 25.07
C SER A 908 18.85 14.10 25.04
N THR A 909 19.27 12.84 24.98
CA THR A 909 18.31 11.74 24.98
C THR A 909 17.52 11.70 26.28
N GLY A 910 18.12 12.13 27.39
CA GLY A 910 17.39 12.19 28.64
C GLY A 910 16.26 13.21 28.60
N LEU A 911 16.51 14.36 27.98
CA LEU A 911 15.45 15.36 27.87
C LEU A 911 14.33 14.88 26.95
N GLU A 912 14.67 14.07 25.95
CA GLU A 912 13.65 13.54 25.05
C GLU A 912 12.92 12.36 25.67
N PHE A 913 13.62 11.54 26.46
CA PHE A 913 13.00 10.37 27.06
C PHE A 913 11.89 10.77 28.02
N GLN A 914 12.12 11.80 28.85
CA GLN A 914 11.09 12.24 29.78
C GLN A 914 9.86 12.76 29.05
N HIS A 915 10.07 13.49 27.95
CA HIS A 915 8.94 13.97 27.15
C HIS A 915 8.19 12.83 26.49
N GLN A 916 8.78 11.63 26.42
CA GLN A 916 8.12 10.50 25.80
C GLN A 916 7.37 9.63 26.79
N VAL A 917 7.95 9.40 27.98
CA VAL A 917 7.29 8.53 28.95
C VAL A 917 6.01 9.17 29.48
N GLU A 918 5.97 10.49 29.55
CA GLU A 918 4.77 11.17 30.04
C GLU A 918 3.57 10.97 29.12
N GLU A 919 3.77 10.42 27.92
CA GLU A 919 2.68 10.08 27.02
C GLU A 919 2.51 8.58 26.87
N ALA A 920 2.94 7.81 27.87
CA ALA A 920 2.80 6.36 27.81
C ALA A 920 1.33 5.97 27.81
N LYS A 921 0.96 5.09 26.89
CA LYS A 921 -0.43 4.67 26.74
C LYS A 921 -0.56 3.17 26.59
N ASP A 922 0.39 2.41 27.13
CA ASP A 922 0.42 0.97 26.87
C ASP A 922 1.41 0.30 27.82
N LEU A 923 1.12 -0.96 28.15
CA LEU A 923 2.07 -1.77 28.91
C LEU A 923 3.30 -2.07 28.08
N ASP A 924 3.11 -2.46 26.82
CA ASP A 924 4.23 -2.90 25.99
C ASP A 924 5.09 -1.72 25.53
N GLN A 925 4.48 -0.72 24.90
CA GLN A 925 5.26 0.36 24.32
C GLN A 925 6.11 1.10 25.35
N LEU A 926 5.72 1.05 26.62
CA LEU A 926 6.57 1.64 27.65
C LEU A 926 7.88 0.88 27.78
N ILE A 927 7.87 -0.42 27.50
CA ILE A 927 9.13 -1.16 27.44
C ILE A 927 9.94 -0.73 26.22
N LYS A 928 9.26 -0.53 25.10
CA LYS A 928 9.95 -0.20 23.86
C LYS A 928 10.59 1.19 23.93
N ILE A 929 9.82 2.18 24.40
CA ILE A 929 10.38 3.52 24.53
C ILE A 929 11.53 3.53 25.53
N HIS A 930 11.49 2.61 26.51
CA HIS A 930 12.59 2.49 27.45
C HIS A 930 13.76 1.75 26.82
N TYR A 931 13.49 0.60 26.19
CA TYR A 931 14.56 -0.14 25.55
C TYR A 931 15.16 0.61 24.38
N ARG A 932 14.41 1.53 23.75
CA ARG A 932 14.95 2.42 22.74
C ARG A 932 15.66 3.61 23.35
N TYR A 933 15.96 3.57 24.64
CA TYR A 933 16.75 4.60 25.29
C TYR A 933 18.11 4.10 25.74
N LEU A 934 18.22 2.83 26.15
CA LEU A 934 19.50 2.26 26.51
C LEU A 934 20.27 1.85 25.26
N SER A 935 19.64 1.05 24.39
CA SER A 935 20.32 0.52 23.22
C SER A 935 20.82 1.63 22.29
N THR A 936 20.31 2.85 22.44
CA THR A 936 20.85 3.98 21.71
C THR A 936 21.90 4.74 22.50
N ILE A 937 21.74 4.82 23.82
CA ILE A 937 22.74 5.49 24.65
C ILE A 937 24.00 4.64 24.76
N HIS A 938 23.87 3.32 24.57
CA HIS A 938 25.03 2.45 24.51
C HIS A 938 25.73 2.48 23.16
N ASP A 939 25.10 3.09 22.16
CA ASP A 939 25.70 3.23 20.83
C ASP A 939 26.37 4.58 20.64
N ARG A 940 25.68 5.66 21.03
CA ARG A 940 26.29 6.99 20.96
C ARG A 940 27.55 7.05 21.81
N CYS A 941 27.44 6.71 23.09
CA CYS A 941 28.62 6.42 23.90
C CYS A 941 29.24 5.14 23.38
N LEU A 942 30.40 5.25 22.74
CA LEU A 942 30.96 4.12 22.02
C LEU A 942 31.48 3.07 22.97
N LEU A 943 30.65 2.08 23.29
CA LEU A 943 31.04 0.99 24.17
C LEU A 943 30.67 -0.40 23.66
N ARG A 944 29.82 -0.51 22.63
CA ARG A 944 29.33 -1.80 22.19
C ARG A 944 30.28 -2.48 21.21
N GLU A 945 30.55 -1.85 20.08
CA GLU A 945 31.40 -2.42 19.04
C GLU A 945 32.47 -1.41 18.67
N LYS A 946 33.38 -1.85 17.77
CA LYS A 946 34.52 -1.03 17.35
C LYS A 946 35.34 -0.58 18.56
N VAL A 947 35.46 -1.46 19.54
CA VAL A 947 36.17 -1.12 20.77
C VAL A 947 37.68 -1.14 20.54
N SER A 948 38.20 -2.24 19.99
CA SER A 948 39.63 -2.33 19.70
C SER A 948 40.04 -1.49 18.49
N PHE A 949 39.08 -0.86 17.81
CA PHE A 949 39.37 0.00 16.68
C PHE A 949 39.36 1.47 17.04
N VAL A 950 38.44 1.91 17.89
CA VAL A 950 38.32 3.31 18.25
C VAL A 950 38.38 3.47 19.76
N LYS A 951 37.54 2.71 20.47
CA LYS A 951 37.40 2.91 21.91
C LYS A 951 38.70 2.70 22.65
N GLU A 952 39.52 1.73 22.21
CA GLU A 952 40.79 1.48 22.86
C GLU A 952 41.71 2.70 22.81
N ALA A 953 41.59 3.51 21.76
CA ALA A 953 42.42 4.71 21.66
C ALA A 953 42.11 5.68 22.80
N ILE A 954 40.83 5.91 23.06
CA ILE A 954 40.44 6.76 24.18
C ILE A 954 40.85 6.09 25.49
N MET A 955 40.86 4.75 25.51
CA MET A 955 41.22 4.04 26.74
C MET A 955 42.71 4.17 27.02
N LYS A 956 43.56 4.05 26.00
CA LYS A 956 44.99 4.07 26.24
C LYS A 956 45.50 5.47 26.57
N VAL A 957 44.90 6.50 25.99
CA VAL A 957 45.30 7.86 26.34
C VAL A 957 44.86 8.21 27.75
N LEU A 958 43.83 7.53 28.26
CA LEU A 958 43.44 7.73 29.65
C LEU A 958 44.54 7.29 30.61
N ASN A 959 45.38 6.33 30.19
CA ASN A 959 46.53 5.96 30.99
C ASN A 959 47.55 7.08 31.11
N LEU A 960 47.58 8.00 30.14
CA LEU A 960 48.41 9.18 30.29
C LEU A 960 47.91 10.08 31.41
N ALA A 961 46.59 10.09 31.64
CA ALA A 961 46.05 10.84 32.77
C ALA A 961 46.41 10.21 34.11
N LEU A 962 46.76 8.93 34.12
CA LEU A 962 47.18 8.26 35.36
C LEU A 962 48.67 8.42 35.59
N MET A 963 49.49 8.18 34.56
CA MET A 963 50.94 8.28 34.70
C MET A 963 51.36 9.71 35.05
N PHE A 964 50.85 10.68 34.29
CA PHE A 964 51.22 12.07 34.51
C PHE A 964 50.71 12.60 35.84
N ALA A 965 49.65 12.01 36.38
CA ALA A 965 49.12 12.49 37.65
C ALA A 965 50.03 12.12 38.81
N ASP A 966 50.56 10.89 38.81
CA ASP A 966 51.41 10.45 39.91
C ASP A 966 52.69 11.27 39.98
N GLY A 967 53.42 11.35 38.88
CA GLY A 967 54.63 12.14 38.84
C GLY A 967 54.35 13.60 39.05
N TRP A 968 54.75 14.12 40.21
CA TRP A 968 54.52 15.53 40.54
C TRP A 968 55.48 15.97 41.65
N SER A 979 62.23 11.94 30.70
CA SER A 979 60.93 11.29 30.61
C SER A 979 59.85 12.30 30.23
N ILE A 980 60.04 13.55 30.64
CA ILE A 980 59.07 14.59 30.32
C ILE A 980 59.02 14.83 28.82
N GLU A 981 60.19 14.86 28.17
CA GLU A 981 60.23 15.05 26.72
C GLU A 981 59.64 13.86 25.99
N LYS A 982 59.72 12.66 26.57
CA LYS A 982 59.19 11.46 25.95
C LYS A 982 57.68 11.32 26.12
N MET A 983 57.04 12.25 26.83
CA MET A 983 55.58 12.21 26.94
C MET A 983 54.92 12.90 25.76
N GLU A 984 55.42 14.06 25.36
CA GLU A 984 54.84 14.77 24.23
C GLU A 984 55.02 14.00 22.92
N SER A 985 56.14 13.28 22.77
CA SER A 985 56.30 12.42 21.61
C SER A 985 55.23 11.35 21.56
N ASP A 986 54.83 10.84 22.72
CA ASP A 986 53.71 9.91 22.79
C ASP A 986 52.38 10.64 22.69
N PHE A 987 52.23 11.75 23.40
CA PHE A 987 50.95 12.46 23.44
C PHE A 987 50.59 13.01 22.06
N LYS A 988 51.54 13.66 21.40
CA LYS A 988 51.27 14.17 20.06
C LYS A 988 51.01 13.05 19.07
N ASN A 989 51.47 11.84 19.38
CA ASN A 989 51.24 10.70 18.49
C ASN A 989 49.86 10.10 18.70
N CYS A 990 49.51 9.77 19.94
CA CYS A 990 48.23 9.13 20.21
C CYS A 990 47.07 10.06 19.92
N HIS A 991 47.23 11.35 20.26
CA HIS A 991 46.18 12.32 19.95
C HIS A 991 45.98 12.44 18.44
N MET A 992 47.07 12.52 17.68
CA MET A 992 46.94 12.49 16.23
C MET A 992 46.46 11.13 15.75
N PHE A 993 46.89 10.06 16.42
CA PHE A 993 46.31 8.75 16.14
C PHE A 993 44.82 8.74 16.40
N LEU A 994 44.36 9.50 17.41
CA LEU A 994 42.94 9.52 17.72
C LEU A 994 42.13 10.21 16.63
N VAL A 995 42.65 11.33 16.10
CA VAL A 995 41.90 12.06 15.08
C VAL A 995 42.03 11.38 13.73
N THR A 996 43.22 10.89 13.39
CA THR A 996 43.43 10.21 12.13
C THR A 996 42.72 8.86 12.05
N ILE A 997 42.14 8.40 13.15
CA ILE A 997 41.31 7.19 13.17
C ILE A 997 39.83 7.55 13.18
N LEU A 998 39.44 8.49 14.04
CA LEU A 998 38.08 8.98 14.09
C LEU A 998 37.68 9.75 12.83
N ASN A 999 38.64 10.11 11.98
CA ASN A 999 38.35 10.87 10.77
C ASN A 999 37.42 10.14 9.82
N LYS A 1000 37.21 8.84 10.01
CA LYS A 1000 36.35 8.08 9.11
C LYS A 1000 34.92 8.60 9.14
N ALA A 1001 34.50 9.23 10.23
CA ALA A 1001 33.16 9.79 10.34
C ALA A 1001 32.95 10.92 9.36
N PHE A 1007 27.13 6.98 13.82
CA PHE A 1007 28.23 7.26 12.90
C PHE A 1007 28.45 8.76 12.65
N PRO A 1008 27.42 9.52 12.28
CA PRO A 1008 27.63 10.95 11.98
C PRO A 1008 27.74 11.83 13.20
N HIS A 1009 27.20 11.41 14.36
CA HIS A 1009 27.22 12.27 15.53
C HIS A 1009 28.61 12.42 16.14
N LEU A 1010 29.61 11.68 15.64
CA LEU A 1010 30.95 11.78 16.19
C LEU A 1010 31.61 13.12 15.88
N GLU A 1011 31.10 13.85 14.89
CA GLU A 1011 31.72 15.11 14.50
C GLU A 1011 31.54 16.20 15.54
N SER A 1012 30.65 16.01 16.51
CA SER A 1012 30.47 17.01 17.56
C SER A 1012 31.71 17.15 18.44
N LEU A 1013 32.56 16.13 18.48
CA LEU A 1013 33.81 16.20 19.21
C LEU A 1013 35.03 16.20 18.31
N ALA A 1014 34.87 15.88 17.02
CA ALA A 1014 36.01 15.78 16.11
C ALA A 1014 36.78 17.08 15.99
N LEU A 1015 36.20 18.20 16.42
CA LEU A 1015 36.93 19.46 16.39
C LEU A 1015 38.15 19.43 17.29
N SER A 1016 38.10 18.63 18.36
CA SER A 1016 39.22 18.50 19.29
C SER A 1016 39.03 17.30 20.20
N MET B 1 -46.84 -40.15 -23.54
CA MET B 1 -45.67 -39.78 -24.32
C MET B 1 -45.44 -38.28 -24.24
N ILE B 2 -46.52 -37.52 -24.03
CA ILE B 2 -46.40 -36.07 -23.95
C ILE B 2 -45.63 -35.68 -22.70
N HIS B 3 -46.06 -36.16 -21.54
CA HIS B 3 -45.32 -35.90 -20.32
C HIS B 3 -43.93 -36.51 -20.39
N GLU B 4 -43.77 -37.56 -21.20
CA GLU B 4 -42.44 -38.11 -21.44
C GLU B 4 -41.56 -37.11 -22.17
N LEU B 5 -42.11 -36.46 -23.19
CA LEU B 5 -41.34 -35.48 -23.95
C LEU B 5 -41.04 -34.25 -23.11
N LEU B 6 -42.04 -33.73 -22.39
CA LEU B 6 -41.85 -32.51 -21.61
C LEU B 6 -40.78 -32.67 -20.55
N LEU B 7 -40.41 -33.89 -20.19
CA LEU B 7 -39.26 -34.10 -19.34
C LEU B 7 -37.97 -34.17 -20.15
N ALA B 8 -38.04 -34.74 -21.36
CA ALA B 8 -36.86 -34.78 -22.21
C ALA B 8 -36.41 -33.37 -22.57
N LEU B 9 -37.34 -32.45 -22.77
CA LEU B 9 -37.00 -31.06 -23.00
C LEU B 9 -36.61 -30.33 -21.74
N SER B 10 -36.60 -31.00 -20.59
CA SER B 10 -36.22 -30.38 -19.33
C SER B 10 -34.80 -30.72 -18.91
N GLY B 11 -34.25 -31.82 -19.39
CA GLY B 11 -32.89 -32.20 -19.03
C GLY B 11 -32.79 -33.61 -18.50
N TYR B 12 -33.83 -34.41 -18.72
CA TYR B 12 -33.87 -35.80 -18.25
C TYR B 12 -34.06 -36.74 -19.43
N PRO B 13 -33.00 -37.41 -19.89
CA PRO B 13 -33.13 -38.33 -21.02
C PRO B 13 -33.55 -39.73 -20.59
N GLY B 14 -34.32 -40.37 -21.46
CA GLY B 14 -34.81 -41.71 -21.17
C GLY B 14 -34.63 -42.69 -22.32
N SER B 15 -35.39 -43.79 -22.28
CA SER B 15 -35.25 -44.82 -23.31
C SER B 15 -35.71 -44.32 -24.67
N ILE B 16 -36.83 -43.60 -24.70
CA ILE B 16 -37.35 -43.10 -25.97
C ILE B 16 -36.43 -42.02 -26.54
N PHE B 17 -35.87 -41.19 -25.67
CA PHE B 17 -35.01 -40.08 -26.07
C PHE B 17 -33.62 -40.34 -25.47
N THR B 18 -32.80 -41.08 -26.21
CA THR B 18 -31.46 -41.40 -25.73
C THR B 18 -30.59 -40.15 -25.73
N TRP B 19 -29.50 -40.22 -24.97
CA TRP B 19 -28.56 -39.11 -24.85
C TRP B 19 -27.19 -39.56 -25.31
N ASN B 20 -26.53 -38.73 -26.11
CA ASN B 20 -25.19 -38.99 -26.60
C ASN B 20 -24.30 -37.82 -26.23
N LYS B 21 -23.07 -38.13 -25.78
CA LYS B 21 -22.18 -37.09 -25.27
C LYS B 21 -21.69 -36.15 -26.37
N ARG B 22 -21.68 -36.60 -27.63
CA ARG B 22 -21.16 -35.81 -28.73
C ARG B 22 -22.28 -35.14 -29.53
N SER B 23 -23.21 -35.92 -30.06
CA SER B 23 -24.24 -35.37 -30.93
C SER B 23 -25.24 -34.54 -30.14
N GLY B 24 -25.94 -35.16 -29.19
CA GLY B 24 -26.96 -34.52 -28.40
C GLY B 24 -28.20 -35.36 -28.34
N LEU B 25 -29.28 -34.76 -27.83
CA LEU B 25 -30.54 -35.47 -27.73
C LEU B 25 -31.06 -35.86 -29.11
N GLN B 26 -31.60 -37.07 -29.21
CA GLN B 26 -32.13 -37.57 -30.47
C GLN B 26 -32.94 -38.82 -30.18
N VAL B 27 -33.88 -39.11 -31.07
CA VAL B 27 -34.74 -40.29 -30.93
C VAL B 27 -33.96 -41.52 -31.35
N SER B 28 -34.21 -42.64 -30.66
CA SER B 28 -33.49 -43.87 -30.91
C SER B 28 -33.77 -44.41 -32.31
N GLN B 29 -35.01 -44.80 -32.59
CA GLN B 29 -35.35 -45.45 -33.86
C GLN B 29 -36.87 -45.35 -34.07
N ASP B 30 -37.36 -46.05 -35.08
CA ASP B 30 -38.78 -46.05 -35.38
C ASP B 30 -39.57 -46.69 -34.24
N PHE B 31 -40.82 -46.26 -34.10
CA PHE B 31 -41.73 -46.79 -33.09
C PHE B 31 -43.10 -47.07 -33.70
N PRO B 32 -43.76 -48.14 -33.28
CA PRO B 32 -45.10 -48.41 -33.83
C PRO B 32 -46.13 -47.40 -33.37
N PHE B 33 -46.12 -47.01 -32.09
CA PHE B 33 -47.17 -46.14 -31.58
C PHE B 33 -47.09 -44.74 -32.18
N LEU B 34 -45.89 -44.26 -32.48
CA LEU B 34 -45.74 -42.98 -33.16
C LEU B 34 -45.86 -43.17 -34.67
N HIS B 35 -46.22 -42.08 -35.34
CA HIS B 35 -46.27 -42.16 -36.79
C HIS B 35 -44.84 -42.11 -37.35
N PRO B 36 -44.55 -42.92 -38.38
CA PRO B 36 -43.16 -42.97 -38.88
C PRO B 36 -42.64 -41.64 -39.40
N SER B 37 -43.50 -40.64 -39.60
CA SER B 37 -43.03 -39.35 -40.07
C SER B 37 -42.63 -38.42 -38.94
N GLU B 38 -43.35 -38.48 -37.81
CA GLU B 38 -43.13 -37.53 -36.72
C GLU B 38 -41.74 -37.63 -36.11
N THR B 39 -40.99 -38.69 -36.41
CA THR B 39 -39.63 -38.80 -35.89
C THR B 39 -38.76 -37.62 -36.33
N SER B 40 -39.12 -36.99 -37.45
CA SER B 40 -38.32 -35.86 -37.94
C SER B 40 -38.55 -34.62 -37.06
N VAL B 41 -39.80 -34.29 -36.78
CA VAL B 41 -40.10 -33.08 -36.02
C VAL B 41 -39.49 -33.16 -34.63
N LEU B 42 -39.49 -34.36 -34.03
CA LEU B 42 -38.84 -34.54 -32.74
C LEU B 42 -37.35 -34.22 -32.84
N ASN B 43 -36.69 -34.75 -33.86
CA ASN B 43 -35.27 -34.47 -34.04
C ASN B 43 -35.03 -32.99 -34.26
N ARG B 44 -35.95 -32.30 -34.94
CA ARG B 44 -35.86 -30.85 -35.02
C ARG B 44 -36.13 -30.21 -33.66
N LEU B 45 -37.04 -30.79 -32.88
CA LEU B 45 -37.31 -30.28 -31.55
C LEU B 45 -36.14 -30.51 -30.61
N CYS B 46 -35.52 -31.69 -30.69
CA CYS B 46 -34.41 -32.01 -29.80
C CYS B 46 -33.24 -31.04 -29.99
N ARG B 47 -33.14 -30.39 -31.15
CA ARG B 47 -32.16 -29.32 -31.30
C ARG B 47 -32.36 -28.23 -30.28
N LEU B 48 -33.56 -28.09 -29.72
CA LEU B 48 -33.78 -27.14 -28.65
C LEU B 48 -33.37 -27.70 -27.30
N GLY B 49 -33.56 -29.00 -27.09
CA GLY B 49 -33.22 -29.59 -25.81
C GLY B 49 -31.72 -29.72 -25.60
N THR B 50 -31.00 -30.05 -26.67
CA THR B 50 -29.55 -30.19 -26.56
C THR B 50 -28.90 -28.91 -26.05
N ASP B 51 -29.46 -27.76 -26.43
CA ASP B 51 -28.93 -26.49 -25.94
C ASP B 51 -29.12 -26.36 -24.45
N TYR B 52 -30.35 -26.56 -23.97
CA TYR B 52 -30.64 -26.36 -22.54
C TYR B 52 -29.78 -27.28 -21.68
N ILE B 53 -29.57 -28.51 -22.11
CA ILE B 53 -28.71 -29.43 -21.36
C ILE B 53 -27.28 -28.90 -21.33
N ARG B 54 -26.73 -28.60 -22.52
CA ARG B 54 -25.39 -28.03 -22.57
C ARG B 54 -25.32 -26.67 -21.88
N PHE B 55 -26.44 -25.98 -21.75
CA PHE B 55 -26.48 -24.76 -20.95
C PHE B 55 -26.33 -25.08 -19.47
N THR B 56 -27.27 -25.86 -18.93
CA THR B 56 -27.30 -26.09 -17.48
C THR B 56 -26.07 -26.87 -17.01
N GLU B 57 -25.50 -27.71 -17.87
CA GLU B 57 -24.27 -28.39 -17.50
C GLU B 57 -23.12 -27.39 -17.34
N PHE B 58 -23.03 -26.43 -18.26
CA PHE B 58 -22.01 -25.39 -18.14
C PHE B 58 -22.29 -24.49 -16.96
N ILE B 59 -23.57 -24.18 -16.70
CA ILE B 59 -23.91 -23.30 -15.60
C ILE B 59 -23.47 -23.91 -14.27
N GLU B 60 -23.76 -25.19 -14.08
CA GLU B 60 -23.38 -25.85 -12.83
C GLU B 60 -21.87 -26.01 -12.73
N GLN B 61 -21.21 -26.34 -13.84
CA GLN B 61 -19.77 -26.57 -13.79
C GLN B 61 -19.00 -25.30 -13.47
N TYR B 62 -19.59 -24.13 -13.77
CA TYR B 62 -18.97 -22.82 -13.54
C TYR B 62 -17.73 -22.59 -14.38
N THR B 63 -17.37 -23.52 -15.27
CA THR B 63 -16.19 -23.36 -16.10
C THR B 63 -16.55 -23.01 -17.52
N LEU B 81 -10.61 -21.72 -16.14
CA LEU B 81 -11.35 -20.46 -16.10
C LEU B 81 -11.89 -20.18 -14.70
N HIS B 82 -11.93 -18.89 -14.36
CA HIS B 82 -12.45 -18.44 -13.07
C HIS B 82 -12.60 -16.93 -13.16
N GLY B 83 -13.22 -16.36 -12.13
CA GLY B 83 -13.42 -14.92 -12.09
C GLY B 83 -14.86 -14.54 -11.83
N ILE B 84 -15.05 -13.40 -11.15
CA ILE B 84 -16.40 -12.97 -10.81
C ILE B 84 -17.21 -12.69 -12.07
N TYR B 85 -16.57 -12.08 -13.07
CA TYR B 85 -17.27 -11.76 -14.31
C TYR B 85 -17.71 -13.01 -15.05
N LEU B 86 -17.14 -14.17 -14.73
CA LEU B 86 -17.66 -15.42 -15.24
C LEU B 86 -18.75 -15.98 -14.33
N ARG B 87 -18.59 -15.81 -13.01
CA ARG B 87 -19.65 -16.22 -12.09
C ARG B 87 -20.93 -15.44 -12.35
N ALA B 88 -20.81 -14.13 -12.53
CA ALA B 88 -22.00 -13.31 -12.74
C ALA B 88 -22.65 -13.60 -14.10
N PHE B 89 -21.84 -13.92 -15.11
CA PHE B 89 -22.40 -14.25 -16.41
C PHE B 89 -23.33 -15.45 -16.32
N CYS B 90 -22.89 -16.51 -15.65
CA CYS B 90 -23.76 -17.67 -15.44
C CYS B 90 -24.93 -17.31 -14.54
N THR B 91 -24.69 -16.45 -13.53
CA THR B 91 -25.78 -16.00 -12.68
C THR B 91 -26.86 -15.30 -13.49
N GLY B 92 -26.46 -14.45 -14.42
CA GLY B 92 -27.43 -13.81 -15.29
C GLY B 92 -27.97 -14.73 -16.36
N LEU B 93 -27.15 -15.69 -16.82
CA LEU B 93 -27.59 -16.58 -17.89
C LEU B 93 -28.81 -17.39 -17.50
N ASP B 94 -29.04 -17.61 -16.20
CA ASP B 94 -30.25 -18.30 -15.78
C ASP B 94 -31.47 -17.41 -15.87
N SER B 95 -31.30 -16.09 -15.79
CA SER B 95 -32.45 -15.19 -15.83
C SER B 95 -33.09 -15.17 -17.21
N VAL B 96 -32.27 -15.07 -18.27
CA VAL B 96 -32.81 -15.13 -19.62
C VAL B 96 -33.41 -16.50 -19.90
N LEU B 97 -32.87 -17.54 -19.27
CA LEU B 97 -33.40 -18.88 -19.45
C LEU B 97 -34.71 -19.12 -18.72
N GLN B 98 -35.10 -18.23 -17.81
CA GLN B 98 -36.29 -18.45 -17.00
C GLN B 98 -37.56 -18.57 -17.83
N PRO B 99 -37.85 -17.68 -18.79
CA PRO B 99 -39.09 -17.86 -19.57
C PRO B 99 -39.16 -19.17 -20.30
N TYR B 100 -38.03 -19.81 -20.59
CA TYR B 100 -38.08 -21.12 -21.25
C TYR B 100 -38.64 -22.17 -20.31
N ARG B 101 -38.17 -22.20 -19.07
CA ARG B 101 -38.72 -23.15 -18.10
C ARG B 101 -40.19 -22.88 -17.85
N GLN B 102 -40.53 -21.61 -17.60
CA GLN B 102 -41.92 -21.27 -17.30
C GLN B 102 -42.84 -21.65 -18.44
N ALA B 103 -42.49 -21.25 -19.68
CA ALA B 103 -43.32 -21.59 -20.82
C ALA B 103 -43.39 -23.08 -21.08
N LEU B 104 -42.54 -23.87 -20.45
CA LEU B 104 -42.63 -25.32 -20.56
C LEU B 104 -43.63 -25.89 -19.56
N LEU B 105 -43.70 -25.32 -18.35
CA LEU B 105 -44.66 -25.79 -17.36
C LEU B 105 -46.09 -25.66 -17.88
N ASP B 106 -46.38 -24.62 -18.66
CA ASP B 106 -47.74 -24.42 -19.13
C ASP B 106 -48.18 -25.53 -20.08
N LEU B 107 -47.25 -26.05 -20.90
CA LEU B 107 -47.61 -27.11 -21.82
C LEU B 107 -48.20 -28.31 -21.10
N GLU B 108 -47.77 -28.56 -19.86
CA GLU B 108 -48.42 -29.60 -19.07
C GLU B 108 -49.88 -29.23 -18.78
N GLN B 109 -50.14 -27.94 -18.54
CA GLN B 109 -51.49 -27.52 -18.16
C GLN B 109 -52.49 -27.79 -19.28
N GLU B 110 -52.23 -27.23 -20.47
CA GLU B 110 -53.14 -27.45 -21.59
C GLU B 110 -53.31 -28.94 -21.89
N PHE B 111 -52.20 -29.67 -21.94
CA PHE B 111 -52.28 -31.08 -22.29
C PHE B 111 -53.04 -31.88 -21.23
N LEU B 112 -52.96 -31.47 -19.97
CA LEU B 112 -53.71 -32.16 -18.94
C LEU B 112 -55.21 -32.02 -19.15
N GLY B 113 -55.65 -30.86 -19.65
CA GLY B 113 -57.05 -30.62 -19.86
C GLY B 113 -57.62 -31.32 -21.09
N ASP B 114 -57.10 -30.97 -22.26
CA ASP B 114 -57.61 -31.53 -23.51
C ASP B 114 -56.86 -32.81 -23.84
N PRO B 115 -57.55 -33.92 -24.07
CA PRO B 115 -56.88 -35.18 -24.41
C PRO B 115 -56.66 -35.43 -25.90
N HIS B 116 -56.86 -34.42 -26.75
CA HIS B 116 -56.77 -34.63 -28.19
C HIS B 116 -55.65 -33.85 -28.87
N LEU B 117 -54.93 -33.01 -28.14
CA LEU B 117 -53.81 -32.28 -28.73
C LEU B 117 -52.72 -33.23 -29.18
N SER B 118 -51.87 -32.77 -30.09
CA SER B 118 -50.81 -33.58 -30.65
C SER B 118 -49.48 -32.82 -30.59
N ILE B 119 -48.43 -33.48 -31.07
CA ILE B 119 -47.09 -32.91 -30.99
C ILE B 119 -46.98 -31.63 -31.79
N SER B 120 -47.79 -31.48 -32.84
CA SER B 120 -47.72 -30.28 -33.66
C SER B 120 -47.96 -29.02 -32.85
N HIS B 121 -48.76 -29.12 -31.78
CA HIS B 121 -49.01 -27.94 -30.96
C HIS B 121 -47.76 -27.52 -30.18
N VAL B 122 -46.90 -28.47 -29.83
CA VAL B 122 -45.66 -28.13 -29.15
C VAL B 122 -44.79 -27.26 -30.05
N ASN B 123 -44.74 -27.59 -31.34
CA ASN B 123 -43.90 -26.84 -32.26
C ASN B 123 -44.36 -25.40 -32.41
N TYR B 124 -45.66 -25.15 -32.27
CA TYR B 124 -46.17 -23.80 -32.40
C TYR B 124 -45.81 -22.93 -31.19
N PHE B 125 -45.83 -23.52 -29.99
CA PHE B 125 -45.63 -22.72 -28.79
C PHE B 125 -44.16 -22.33 -28.64
N LEU B 126 -43.25 -23.19 -29.09
CA LEU B 126 -41.82 -22.99 -28.91
C LEU B 126 -41.14 -22.42 -30.15
N ASP B 127 -41.85 -21.57 -30.90
CA ASP B 127 -41.28 -21.06 -32.14
C ASP B 127 -40.14 -20.08 -31.86
N GLN B 128 -40.33 -19.16 -30.91
CA GLN B 128 -39.31 -18.15 -30.67
C GLN B 128 -38.05 -18.74 -30.08
N PHE B 129 -38.18 -19.82 -29.30
CA PHE B 129 -37.01 -20.39 -28.65
C PHE B 129 -36.11 -21.11 -29.65
N GLN B 130 -36.67 -21.57 -30.77
CA GLN B 130 -35.84 -22.07 -31.86
C GLN B 130 -35.01 -20.97 -32.48
N LEU B 131 -35.29 -19.71 -32.17
CA LEU B 131 -34.58 -18.57 -32.73
C LEU B 131 -33.64 -17.90 -31.74
N LEU B 132 -33.87 -18.06 -30.43
CA LEU B 132 -33.06 -17.40 -29.41
C LEU B 132 -31.83 -18.22 -29.03
N PHE B 133 -31.96 -19.55 -28.98
CA PHE B 133 -30.83 -20.36 -28.50
C PHE B 133 -29.71 -20.48 -29.51
N PRO B 134 -29.95 -20.89 -30.76
CA PRO B 134 -28.81 -21.12 -31.67
C PRO B 134 -27.91 -19.90 -31.86
N SER B 135 -28.39 -18.71 -31.57
CA SER B 135 -27.55 -17.52 -31.65
C SER B 135 -26.78 -17.28 -30.37
N VAL B 136 -27.43 -17.42 -29.21
CA VAL B 136 -26.74 -17.23 -27.94
C VAL B 136 -25.80 -18.39 -27.66
N MET B 137 -25.94 -19.50 -28.36
CA MET B 137 -25.08 -20.66 -28.12
C MET B 137 -23.63 -20.35 -28.47
N VAL B 138 -23.39 -19.71 -29.61
CA VAL B 138 -22.03 -19.39 -30.02
C VAL B 138 -21.38 -18.39 -29.08
N VAL B 139 -22.18 -17.61 -28.36
CA VAL B 139 -21.62 -16.70 -27.36
C VAL B 139 -20.94 -17.50 -26.26
N VAL B 140 -21.54 -18.63 -25.85
CA VAL B 140 -20.92 -19.48 -24.87
C VAL B 140 -19.70 -20.19 -25.47
N GLU B 141 -19.80 -20.59 -26.74
CA GLU B 141 -18.71 -21.34 -27.35
C GLU B 141 -17.46 -20.48 -27.51
N GLN B 142 -17.61 -19.19 -27.79
CA GLN B 142 -16.45 -18.33 -27.90
C GLN B 142 -15.72 -18.19 -26.58
N ILE B 143 -16.44 -18.29 -25.46
CA ILE B 143 -15.81 -18.16 -24.15
C ILE B 143 -14.98 -19.39 -23.83
N LYS B 144 -15.60 -20.57 -23.93
CA LYS B 144 -14.90 -21.80 -23.57
C LYS B 144 -13.82 -22.20 -24.57
N SER B 145 -13.74 -21.52 -25.71
CA SER B 145 -12.76 -21.87 -26.73
C SER B 145 -11.63 -20.85 -26.87
N GLN B 146 -11.70 -19.72 -26.16
CA GLN B 146 -10.66 -18.70 -26.25
C GLN B 146 -10.19 -18.20 -24.89
N LYS B 147 -10.63 -18.82 -23.81
CA LYS B 147 -10.18 -18.47 -22.45
C LYS B 147 -10.39 -16.99 -22.17
N ILE B 148 -11.61 -16.51 -22.45
CA ILE B 148 -11.94 -15.12 -22.25
C ILE B 148 -12.06 -14.84 -20.76
N HIS B 149 -11.03 -14.23 -20.18
CA HIS B 149 -10.92 -14.02 -18.74
C HIS B 149 -10.98 -12.54 -18.42
N GLY B 150 -11.72 -12.20 -17.38
CA GLY B 150 -11.76 -10.84 -16.90
C GLY B 150 -12.83 -9.99 -17.55
N CYS B 151 -12.57 -8.69 -17.58
CA CYS B 151 -13.51 -7.72 -18.11
C CYS B 151 -13.71 -7.86 -19.62
N GLN B 152 -12.91 -8.67 -20.29
CA GLN B 152 -13.07 -8.87 -21.73
C GLN B 152 -14.41 -9.48 -22.08
N ILE B 153 -15.11 -10.06 -21.11
CA ILE B 153 -16.44 -10.59 -21.38
C ILE B 153 -17.42 -9.47 -21.64
N LEU B 154 -17.27 -8.35 -20.92
CA LEU B 154 -18.19 -7.22 -21.10
C LEU B 154 -18.08 -6.58 -22.47
N GLU B 155 -17.11 -6.99 -23.29
CA GLU B 155 -17.05 -6.61 -24.70
C GLU B 155 -17.48 -7.73 -25.62
N THR B 156 -17.04 -8.96 -25.35
CA THR B 156 -17.43 -10.10 -26.18
C THR B 156 -18.94 -10.28 -26.18
N VAL B 157 -19.59 -10.02 -25.04
CA VAL B 157 -21.05 -10.07 -25.03
C VAL B 157 -21.62 -8.81 -25.68
N TYR B 158 -20.89 -7.69 -25.63
CA TYR B 158 -21.41 -6.47 -26.21
C TYR B 158 -21.29 -6.47 -27.73
N LYS B 159 -20.21 -7.04 -28.26
CA LYS B 159 -20.05 -7.13 -29.71
C LYS B 159 -21.15 -7.97 -30.35
N HIS B 160 -21.78 -8.85 -29.59
CA HIS B 160 -22.91 -9.63 -30.08
C HIS B 160 -24.25 -9.03 -29.65
N SER B 161 -24.24 -7.94 -28.89
CA SER B 161 -25.48 -7.29 -28.50
C SER B 161 -26.05 -6.41 -29.60
N CYS B 162 -25.23 -6.04 -30.59
CA CYS B 162 -25.67 -5.22 -31.71
C CYS B 162 -26.23 -6.06 -32.85
N GLY B 163 -26.67 -7.28 -32.57
CA GLY B 163 -27.26 -8.10 -33.60
C GLY B 163 -28.56 -7.54 -34.13
N GLY B 164 -29.07 -8.18 -35.18
CA GLY B 164 -30.28 -7.71 -35.82
C GLY B 164 -31.55 -8.29 -35.23
N LEU B 165 -31.49 -9.52 -34.76
CA LEU B 165 -32.66 -10.18 -34.22
C LEU B 165 -33.15 -9.48 -32.96
N PRO B 166 -34.39 -9.01 -32.92
CA PRO B 166 -34.88 -8.27 -31.75
C PRO B 166 -34.80 -9.09 -30.46
N PRO B 167 -35.26 -10.35 -30.45
CA PRO B 167 -35.19 -11.09 -29.17
C PRO B 167 -33.78 -11.29 -28.67
N VAL B 168 -32.84 -11.60 -29.57
CA VAL B 168 -31.44 -11.76 -29.15
C VAL B 168 -30.92 -10.46 -28.57
N ARG B 169 -31.27 -9.32 -29.19
CA ARG B 169 -30.85 -8.04 -28.66
C ARG B 169 -31.48 -7.78 -27.29
N SER B 170 -32.73 -8.18 -27.12
CA SER B 170 -33.40 -8.00 -25.84
C SER B 170 -32.97 -9.01 -24.79
N ALA B 171 -32.22 -10.05 -25.18
CA ALA B 171 -31.75 -11.05 -24.24
C ALA B 171 -30.37 -10.69 -23.69
N LEU B 172 -29.39 -10.52 -24.58
CA LEU B 172 -28.04 -10.21 -24.12
C LEU B 172 -27.98 -8.90 -23.36
N GLU B 173 -28.84 -7.94 -23.72
CA GLU B 173 -28.89 -6.68 -22.99
C GLU B 173 -29.19 -6.91 -21.51
N LYS B 174 -30.01 -7.92 -21.19
CA LYS B 174 -30.25 -8.26 -19.80
C LYS B 174 -28.98 -8.77 -19.13
N ILE B 175 -28.25 -9.65 -19.81
CA ILE B 175 -27.02 -10.20 -19.24
C ILE B 175 -26.01 -9.09 -19.02
N LEU B 176 -25.87 -8.20 -19.99
CA LEU B 176 -25.00 -7.04 -19.82
C LEU B 176 -25.50 -6.12 -18.72
N ALA B 177 -26.81 -6.13 -18.45
CA ALA B 177 -27.34 -5.27 -17.40
C ALA B 177 -27.02 -5.79 -16.02
N VAL B 178 -26.80 -7.10 -15.87
CA VAL B 178 -26.48 -7.67 -14.57
C VAL B 178 -24.96 -7.83 -14.46
N CYS B 179 -24.29 -8.03 -15.59
CA CYS B 179 -22.84 -8.12 -15.57
C CYS B 179 -22.20 -6.78 -15.21
N HIS B 180 -22.86 -5.67 -15.59
CA HIS B 180 -22.38 -4.37 -15.17
C HIS B 180 -22.51 -4.18 -13.67
N GLY B 181 -23.43 -4.90 -13.03
CA GLY B 181 -23.58 -4.79 -11.59
C GLY B 181 -22.32 -5.14 -10.83
N VAL B 182 -21.51 -6.04 -11.39
CA VAL B 182 -20.24 -6.38 -10.76
C VAL B 182 -19.27 -5.22 -10.86
N MET B 183 -19.06 -4.71 -12.07
CA MET B 183 -18.19 -3.56 -12.25
C MET B 183 -18.67 -2.38 -11.42
N TYR B 184 -19.98 -2.10 -11.46
CA TYR B 184 -20.52 -1.01 -10.66
C TYR B 184 -20.31 -1.25 -9.18
N LYS B 185 -20.27 -2.50 -8.74
CA LYS B 185 -19.94 -2.79 -7.35
C LYS B 185 -18.49 -2.46 -7.07
N GLN B 186 -17.58 -2.97 -7.90
CA GLN B 186 -16.16 -2.70 -7.68
C GLN B 186 -15.82 -1.23 -7.90
N LEU B 187 -16.41 -0.62 -8.94
CA LEU B 187 -16.07 0.77 -9.26
C LEU B 187 -16.40 1.69 -8.11
N SER B 188 -17.58 1.53 -7.53
CA SER B 188 -17.96 2.39 -6.40
C SER B 188 -17.16 2.04 -5.15
N ALA B 189 -16.77 0.78 -4.99
CA ALA B 189 -15.97 0.39 -3.84
C ALA B 189 -14.58 1.01 -3.89
N TRP B 190 -14.08 1.29 -5.08
CA TRP B 190 -12.74 1.85 -5.22
C TRP B 190 -12.74 3.37 -5.23
N MET B 191 -13.71 3.98 -5.91
CA MET B 191 -13.69 5.44 -6.07
C MET B 191 -14.03 6.18 -4.79
N LEU B 192 -14.39 5.48 -3.71
CA LEU B 192 -14.70 6.13 -2.45
C LEU B 192 -14.02 5.51 -1.24
N HIS B 193 -13.44 4.31 -1.37
CA HIS B 193 -12.76 3.66 -0.25
C HIS B 193 -11.29 3.41 -0.53
N GLY B 194 -10.79 3.85 -1.69
CA GLY B 194 -9.38 3.76 -1.99
C GLY B 194 -8.83 2.38 -2.22
N LEU B 195 -9.57 1.33 -1.88
CA LEU B 195 -9.13 -0.04 -2.07
C LEU B 195 -9.92 -0.70 -3.18
N LEU B 196 -9.29 -1.65 -3.86
CA LEU B 196 -9.94 -2.41 -4.91
C LEU B 196 -10.14 -3.85 -4.43
N LEU B 197 -11.39 -4.27 -4.35
CA LEU B 197 -11.72 -5.64 -3.94
C LEU B 197 -11.49 -6.55 -5.14
N ASP B 198 -10.32 -7.18 -5.18
CA ASP B 198 -10.00 -8.09 -6.27
C ASP B 198 -8.86 -9.00 -5.82
N GLN B 199 -8.93 -10.26 -6.28
CA GLN B 199 -7.88 -11.23 -6.02
C GLN B 199 -7.56 -12.06 -7.25
N HIS B 200 -8.02 -11.65 -8.43
CA HIS B 200 -7.77 -12.42 -9.65
C HIS B 200 -7.39 -11.53 -10.82
N GLU B 201 -7.16 -10.24 -10.60
CA GLU B 201 -6.81 -9.28 -11.64
C GLU B 201 -7.85 -9.25 -12.75
N GLU B 202 -9.07 -8.85 -12.36
CA GLU B 202 -10.17 -8.68 -13.30
C GLU B 202 -10.41 -7.21 -13.63
N PHE B 203 -10.52 -6.37 -12.60
CA PHE B 203 -10.64 -4.94 -12.78
C PHE B 203 -9.47 -4.43 -13.62
N PHE B 204 -9.69 -3.33 -14.33
CA PHE B 204 -8.65 -2.80 -15.21
C PHE B 204 -7.66 -1.91 -14.49
N ILE B 205 -7.51 -2.06 -13.17
CA ILE B 205 -6.54 -1.33 -12.38
C ILE B 205 -5.72 -2.33 -11.59
N LYS B 206 -4.40 -2.23 -11.68
CA LYS B 206 -3.52 -3.16 -10.98
C LYS B 206 -2.35 -2.43 -10.32
N GLN B 256 1.40 3.21 -5.35
CA GLN B 256 1.58 3.55 -6.75
C GLN B 256 0.88 2.54 -7.65
N PHE B 257 -0.32 2.89 -8.11
CA PHE B 257 -1.11 2.03 -8.97
C PHE B 257 -0.96 2.46 -10.43
N SER B 258 -1.51 1.64 -11.33
CA SER B 258 -1.40 1.89 -12.75
C SER B 258 -2.74 1.65 -13.44
N LEU B 259 -2.72 1.66 -14.78
CA LEU B 259 -3.91 1.43 -15.58
C LEU B 259 -3.65 0.28 -16.53
N ARG B 260 -4.72 -0.40 -16.93
CA ARG B 260 -4.64 -1.50 -17.89
C ARG B 260 -5.39 -1.14 -19.15
N VAL B 261 -4.79 -1.45 -20.30
CA VAL B 261 -5.42 -1.21 -21.58
C VAL B 261 -5.79 -2.51 -22.30
N GLU B 262 -5.00 -3.57 -22.15
CA GLU B 262 -5.27 -4.82 -22.84
C GLU B 262 -6.48 -5.56 -22.29
N ILE B 263 -7.15 -5.01 -21.28
CA ILE B 263 -8.34 -5.65 -20.70
C ILE B 263 -9.46 -4.63 -20.61
N LEU B 264 -9.15 -3.37 -20.87
CA LEU B 264 -10.13 -2.31 -20.76
C LEU B 264 -11.26 -2.54 -21.76
N PRO B 265 -12.50 -2.21 -21.39
CA PRO B 265 -13.63 -2.42 -22.31
C PRO B 265 -13.47 -1.64 -23.61
N SER B 266 -14.33 -1.98 -24.57
CA SER B 266 -14.26 -1.35 -25.88
C SER B 266 -14.95 0.00 -25.90
N TYR B 267 -16.24 0.02 -25.57
CA TYR B 267 -17.02 1.26 -25.67
C TYR B 267 -16.62 2.31 -24.64
N ILE B 268 -15.83 1.95 -23.64
CA ILE B 268 -15.39 2.93 -22.65
C ILE B 268 -14.17 3.67 -23.20
N PRO B 269 -14.21 4.99 -23.27
CA PRO B 269 -13.06 5.75 -23.76
C PRO B 269 -11.97 5.85 -22.71
N VAL B 270 -10.75 6.08 -23.19
CA VAL B 270 -9.61 6.18 -22.29
C VAL B 270 -9.68 7.46 -21.46
N ARG B 271 -10.40 8.47 -21.95
CA ARG B 271 -10.50 9.74 -21.23
C ARG B 271 -11.09 9.54 -19.84
N VAL B 272 -12.22 8.84 -19.75
CA VAL B 272 -12.82 8.59 -18.46
C VAL B 272 -11.98 7.60 -17.67
N ALA B 273 -11.30 6.67 -18.35
CA ALA B 273 -10.41 5.74 -17.67
C ALA B 273 -9.33 6.49 -16.90
N GLU B 274 -8.74 7.51 -17.52
CA GLU B 274 -7.77 8.33 -16.82
C GLU B 274 -8.42 9.06 -15.63
N LYS B 275 -9.67 9.48 -15.80
CA LYS B 275 -10.36 10.16 -14.71
C LYS B 275 -10.56 9.24 -13.52
N ILE B 276 -10.85 7.96 -13.79
CA ILE B 276 -11.03 7.01 -12.70
C ILE B 276 -9.71 6.77 -11.98
N LEU B 277 -8.62 6.61 -12.73
CA LEU B 277 -7.34 6.31 -12.10
C LEU B 277 -6.89 7.42 -11.17
N PHE B 278 -7.30 8.66 -11.45
CA PHE B 278 -6.87 9.77 -10.60
C PHE B 278 -7.76 9.92 -9.37
N VAL B 279 -9.07 9.75 -9.53
CA VAL B 279 -9.98 9.97 -8.41
C VAL B 279 -9.79 8.93 -7.31
N GLY B 280 -9.22 7.77 -7.64
CA GLY B 280 -9.01 6.75 -6.63
C GLY B 280 -7.69 6.88 -5.93
N GLU B 281 -6.60 7.00 -6.70
CA GLU B 281 -5.28 7.18 -6.10
C GLU B 281 -5.24 8.40 -5.21
N SER B 282 -6.06 9.42 -5.50
CA SER B 282 -6.15 10.58 -4.63
C SER B 282 -6.81 10.27 -3.30
N VAL B 283 -7.37 9.08 -3.13
CA VAL B 283 -7.94 8.65 -1.87
C VAL B 283 -7.00 7.71 -1.13
N GLN B 284 -6.49 6.69 -1.83
CA GLN B 284 -5.54 5.76 -1.24
C GLN B 284 -4.33 6.51 -0.67
N MET B 285 -3.82 7.49 -1.40
CA MET B 285 -2.74 8.31 -0.88
C MET B 285 -3.22 9.20 0.26
N PHE B 286 -4.45 9.70 0.17
CA PHE B 286 -4.96 10.60 1.19
C PHE B 286 -5.17 9.91 2.53
N GLU B 287 -5.32 8.58 2.53
CA GLU B 287 -5.48 7.78 3.75
C GLU B 287 -6.52 8.36 4.70
N LYS B 301 -18.73 12.57 5.36
CA LYS B 301 -19.76 13.60 5.38
C LYS B 301 -20.87 13.28 4.38
N ASN B 302 -21.36 14.30 3.70
CA ASN B 302 -22.41 14.12 2.70
C ASN B 302 -21.85 13.72 1.34
N GLN B 303 -20.58 14.00 1.08
CA GLN B 303 -19.94 13.70 -0.19
C GLN B 303 -19.65 12.22 -0.37
N GLU B 304 -20.13 11.35 0.51
CA GLU B 304 -19.87 9.92 0.44
C GLU B 304 -21.10 9.09 0.15
N ASP B 305 -22.20 9.34 0.88
CA ASP B 305 -23.40 8.52 0.71
C ASP B 305 -24.16 8.90 -0.57
N THR B 306 -24.22 10.20 -0.88
CA THR B 306 -24.99 10.64 -2.03
C THR B 306 -24.49 10.00 -3.31
N PHE B 307 -23.17 9.91 -3.48
CA PHE B 307 -22.63 9.28 -4.67
C PHE B 307 -22.94 7.79 -4.71
N ALA B 308 -23.06 7.16 -3.54
CA ALA B 308 -23.43 5.75 -3.52
C ALA B 308 -24.82 5.55 -4.10
N ALA B 309 -25.74 6.48 -3.83
CA ALA B 309 -27.07 6.41 -4.43
C ALA B 309 -26.99 6.61 -5.94
N GLU B 310 -26.08 7.47 -6.39
CA GLU B 310 -25.93 7.69 -7.83
C GLU B 310 -25.40 6.43 -8.52
N LEU B 311 -24.35 5.83 -7.97
CA LEU B 311 -23.82 4.61 -8.56
C LEU B 311 -24.86 3.50 -8.54
N HIS B 312 -25.58 3.35 -7.43
CA HIS B 312 -26.63 2.34 -7.36
C HIS B 312 -27.70 2.61 -8.40
N ARG B 313 -28.02 3.89 -8.65
CA ARG B 313 -29.04 4.23 -9.62
C ARG B 313 -28.69 3.70 -11.01
N LEU B 314 -27.43 3.84 -11.41
CA LEU B 314 -27.02 3.34 -12.72
C LEU B 314 -27.21 1.83 -12.82
N LYS B 315 -27.09 1.12 -11.70
CA LYS B 315 -27.28 -0.33 -11.73
C LYS B 315 -28.71 -0.71 -12.08
N GLN B 316 -29.67 0.20 -11.86
CA GLN B 316 -31.05 -0.08 -12.23
C GLN B 316 -31.34 0.19 -13.70
N GLN B 317 -30.50 0.98 -14.36
CA GLN B 317 -30.72 1.32 -15.76
C GLN B 317 -30.63 0.08 -16.63
N PRO B 318 -31.65 -0.25 -17.41
CA PRO B 318 -31.59 -1.41 -18.30
C PRO B 318 -30.77 -1.19 -19.58
N LEU B 319 -30.05 -0.07 -19.68
CA LEU B 319 -29.26 0.22 -20.87
C LEU B 319 -28.10 1.12 -20.47
N PHE B 320 -26.88 0.69 -20.78
CA PHE B 320 -25.69 1.44 -20.40
C PHE B 320 -25.54 2.65 -21.30
N SER B 321 -25.72 3.84 -20.75
CA SER B 321 -25.65 5.09 -21.48
C SER B 321 -24.38 5.83 -21.09
N LEU B 322 -23.39 5.83 -21.99
CA LEU B 322 -22.14 6.51 -21.71
C LEU B 322 -22.33 7.99 -21.48
N VAL B 323 -23.31 8.60 -22.15
CA VAL B 323 -23.57 10.02 -22.02
C VAL B 323 -23.93 10.39 -20.58
N ASP B 324 -24.43 9.43 -19.80
CA ASP B 324 -24.72 9.64 -18.39
C ASP B 324 -23.62 9.14 -17.48
N PHE B 325 -22.87 8.11 -17.91
CA PHE B 325 -21.77 7.61 -17.11
C PHE B 325 -20.74 8.69 -16.80
N GLU B 326 -20.63 9.68 -17.67
CA GLU B 326 -19.62 10.72 -17.46
C GLU B 326 -20.14 11.83 -16.55
N GLN B 327 -21.45 12.06 -16.52
CA GLN B 327 -22.00 13.13 -15.69
C GLN B 327 -21.96 12.80 -14.20
N VAL B 328 -21.68 11.55 -13.83
CA VAL B 328 -21.58 11.17 -12.43
C VAL B 328 -20.10 11.08 -12.06
N VAL B 329 -19.27 10.67 -13.02
CA VAL B 329 -17.84 10.58 -12.78
C VAL B 329 -17.22 11.97 -12.67
N ASP B 330 -17.59 12.86 -13.60
CA ASP B 330 -16.96 14.18 -13.62
C ASP B 330 -17.32 14.98 -12.38
N ARG B 331 -18.55 14.85 -11.88
CA ARG B 331 -18.90 15.54 -10.65
C ARG B 331 -18.08 15.01 -9.47
N ILE B 332 -17.96 13.68 -9.38
CA ILE B 332 -17.10 13.09 -8.36
C ILE B 332 -15.66 13.55 -8.56
N ARG B 333 -15.21 13.60 -9.82
CA ARG B 333 -13.85 14.05 -10.11
C ARG B 333 -13.64 15.49 -9.68
N SER B 334 -14.60 16.37 -10.00
CA SER B 334 -14.43 17.79 -9.68
C SER B 334 -14.49 18.02 -8.18
N THR B 335 -15.27 17.22 -7.46
CA THR B 335 -15.41 17.41 -6.02
C THR B 335 -14.12 17.05 -5.29
N VAL B 336 -13.55 15.90 -5.61
CA VAL B 336 -12.29 15.50 -4.96
C VAL B 336 -11.16 16.44 -5.38
N ALA B 337 -11.17 16.88 -6.64
CA ALA B 337 -10.15 17.83 -7.09
C ALA B 337 -10.30 19.16 -6.36
N GLU B 338 -11.54 19.64 -6.21
CA GLU B 338 -11.77 20.86 -5.45
C GLU B 338 -11.33 20.69 -4.00
N HIS B 339 -11.59 19.50 -3.44
CA HIS B 339 -11.17 19.24 -2.05
C HIS B 339 -9.66 19.12 -1.95
N LEU B 340 -9.02 18.54 -2.97
CA LEU B 340 -7.57 18.37 -2.93
C LEU B 340 -6.85 19.69 -3.11
N TRP B 341 -7.37 20.56 -4.01
CA TRP B 341 -6.77 21.87 -4.20
C TRP B 341 -6.78 22.68 -2.90
N LYS B 342 -7.84 22.53 -2.11
CA LYS B 342 -7.92 23.26 -0.85
C LYS B 342 -6.75 22.91 0.06
N LEU B 343 -6.42 21.62 0.14
CA LEU B 343 -5.30 21.21 0.99
C LEU B 343 -3.97 21.50 0.34
N MET B 344 -3.91 21.45 -0.99
CA MET B 344 -2.62 21.56 -1.68
C MET B 344 -2.06 22.97 -1.60
N VAL B 345 -2.91 23.95 -1.30
CA VAL B 345 -2.51 25.35 -1.28
C VAL B 345 -2.74 25.99 0.08
N GLU B 346 -3.93 25.81 0.65
CA GLU B 346 -4.29 26.54 1.86
C GLU B 346 -3.65 25.92 3.09
N GLU B 347 -3.95 24.66 3.37
CA GLU B 347 -3.36 24.01 4.55
C GLU B 347 -1.88 23.74 4.35
N SER B 348 -1.51 23.18 3.20
CA SER B 348 -0.11 22.99 2.85
C SER B 348 0.28 24.07 1.86
N ASP B 349 1.10 25.02 2.31
CA ASP B 349 1.43 26.20 1.53
C ASP B 349 2.38 25.82 0.38
N LEU B 350 1.81 25.67 -0.82
CA LEU B 350 2.63 25.34 -1.98
C LEU B 350 3.44 26.54 -2.44
N LEU B 351 2.89 27.75 -2.29
CA LEU B 351 3.60 28.95 -2.70
C LEU B 351 4.94 29.08 -1.97
N GLY B 352 4.93 28.86 -0.65
CA GLY B 352 6.17 28.90 0.09
C GLY B 352 7.17 27.88 -0.41
N GLN B 353 6.70 26.66 -0.69
CA GLN B 353 7.60 25.60 -1.15
C GLN B 353 8.14 25.89 -2.55
N LEU B 354 7.28 26.38 -3.44
CA LEU B 354 7.76 26.80 -4.74
C LEU B 354 8.77 27.93 -4.61
N LYS B 355 8.54 28.83 -3.66
CA LYS B 355 9.50 29.91 -3.43
C LYS B 355 10.85 29.36 -3.01
N ILE B 356 10.86 28.25 -2.27
CA ILE B 356 12.12 27.63 -1.88
C ILE B 356 12.80 27.02 -3.11
N ILE B 357 12.02 26.43 -4.01
CA ILE B 357 12.61 25.78 -5.18
C ILE B 357 13.20 26.81 -6.13
N LYS B 358 12.48 27.91 -6.38
CA LYS B 358 12.98 28.93 -7.29
C LYS B 358 14.28 29.54 -6.78
N ASP B 359 14.41 29.67 -5.46
CA ASP B 359 15.59 30.33 -4.91
C ASP B 359 16.84 29.47 -5.06
N PHE B 360 16.75 28.19 -4.74
CA PHE B 360 17.94 27.36 -4.67
C PHE B 360 18.19 26.56 -5.94
N TYR B 361 17.17 25.88 -6.47
CA TYR B 361 17.34 25.15 -7.71
C TYR B 361 17.68 26.09 -8.86
N LEU B 362 16.80 27.03 -9.15
CA LEU B 362 16.94 27.93 -10.28
C LEU B 362 17.86 29.11 -10.01
N LEU B 363 18.70 29.02 -8.98
CA LEU B 363 19.63 30.09 -8.62
C LEU B 363 18.90 31.40 -8.34
N GLY B 364 17.70 31.32 -7.77
CA GLY B 364 16.99 32.53 -7.41
C GLY B 364 17.75 33.37 -6.40
N ARG B 365 18.36 32.73 -5.41
CA ARG B 365 19.21 33.42 -4.44
C ARG B 365 20.67 33.32 -4.91
N GLY B 366 20.97 34.10 -5.95
CA GLY B 366 22.30 34.10 -6.53
C GLY B 366 23.38 34.62 -5.60
N GLU B 367 23.02 35.46 -4.64
N GLU B 367 23.02 35.46 -4.64
CA GLU B 367 24.00 35.99 -3.69
CA GLU B 367 24.00 35.99 -3.69
C GLU B 367 24.60 34.90 -2.82
C GLU B 367 24.60 34.90 -2.82
N LEU B 368 23.89 33.79 -2.63
CA LEU B 368 24.41 32.69 -1.83
C LEU B 368 25.43 31.87 -2.63
N PHE B 369 25.18 31.68 -3.91
CA PHE B 369 26.04 30.81 -4.71
C PHE B 369 27.35 31.46 -5.10
N GLN B 370 27.42 32.79 -5.17
CA GLN B 370 28.69 33.42 -5.49
C GLN B 370 29.69 33.28 -4.36
N ALA B 371 29.21 33.25 -3.10
CA ALA B 371 30.11 33.04 -1.98
C ALA B 371 30.48 31.56 -1.87
N PHE B 372 29.53 30.67 -2.14
CA PHE B 372 29.83 29.24 -2.10
C PHE B 372 30.84 28.87 -3.18
N ILE B 373 30.73 29.49 -4.36
CA ILE B 373 31.73 29.28 -5.39
C ILE B 373 33.06 29.87 -4.97
N ASP B 374 33.02 31.02 -4.28
CA ASP B 374 34.25 31.66 -3.84
C ASP B 374 35.03 30.76 -2.88
N THR B 375 34.32 30.03 -2.01
CA THR B 375 34.97 29.17 -1.05
C THR B 375 35.27 27.78 -1.61
N ALA B 376 34.23 27.08 -2.07
CA ALA B 376 34.38 25.72 -2.56
C ALA B 376 34.74 25.74 -4.05
N GLN B 377 35.97 26.18 -4.32
CA GLN B 377 36.48 26.26 -5.67
C GLN B 377 37.64 25.30 -5.90
N HIS B 378 38.69 25.38 -5.08
CA HIS B 378 39.85 24.53 -5.25
C HIS B 378 39.50 23.06 -5.05
N MET B 379 38.49 22.78 -4.23
CA MET B 379 38.13 21.41 -3.91
C MET B 379 37.20 20.78 -4.94
N LEU B 380 37.09 21.36 -6.13
CA LEU B 380 36.27 20.76 -7.18
C LEU B 380 36.94 20.68 -8.55
N LYS B 381 37.95 21.50 -8.83
CA LYS B 381 38.64 21.38 -10.12
C LYS B 381 39.42 20.08 -10.19
N THR B 382 39.88 19.56 -9.05
CA THR B 382 40.47 18.24 -9.02
C THR B 382 39.40 17.19 -9.30
N PRO B 383 39.78 16.04 -9.87
CA PRO B 383 38.81 14.98 -10.08
C PRO B 383 38.16 14.57 -8.78
N PRO B 384 36.91 14.12 -8.83
CA PRO B 384 36.20 13.79 -7.59
C PRO B 384 36.67 12.47 -6.99
N THR B 385 36.64 12.43 -5.66
CA THR B 385 36.97 11.22 -4.92
C THR B 385 35.83 10.87 -3.96
N ALA B 386 36.05 9.89 -3.09
CA ALA B 386 35.03 9.46 -2.15
C ALA B 386 34.85 10.42 -0.98
N VAL B 387 35.72 11.41 -0.82
CA VAL B 387 35.67 12.30 0.33
C VAL B 387 35.07 13.66 0.00
N THR B 388 35.06 14.06 -1.28
CA THR B 388 34.61 15.41 -1.63
C THR B 388 33.13 15.63 -1.37
N GLU B 389 32.36 14.55 -1.17
CA GLU B 389 30.92 14.72 -0.96
C GLU B 389 30.64 15.46 0.35
N HIS B 390 31.42 15.17 1.39
CA HIS B 390 31.28 15.88 2.65
C HIS B 390 32.06 17.20 2.68
N ASP B 391 33.09 17.34 1.85
CA ASP B 391 33.89 18.55 1.84
C ASP B 391 33.14 19.75 1.28
N VAL B 392 31.95 19.55 0.71
CA VAL B 392 31.18 20.64 0.13
C VAL B 392 29.93 20.94 0.97
N ASN B 393 29.31 19.92 1.55
CA ASN B 393 28.14 20.15 2.40
C ASN B 393 28.48 21.09 3.55
N VAL B 394 29.69 20.96 4.10
CA VAL B 394 30.11 21.90 5.14
C VAL B 394 30.39 23.27 4.54
N ALA B 395 30.90 23.32 3.31
CA ALA B 395 31.14 24.60 2.67
C ALA B 395 29.84 25.32 2.36
N PHE B 396 28.84 24.57 1.87
CA PHE B 396 27.52 25.17 1.66
C PHE B 396 26.92 25.63 2.97
N GLN B 397 27.11 24.86 4.04
CA GLN B 397 26.61 25.28 5.35
C GLN B 397 27.38 26.51 5.85
N GLN B 398 28.69 26.53 5.64
CA GLN B 398 29.46 27.75 5.94
C GLN B 398 29.00 28.92 5.11
N SER B 399 28.37 28.66 3.96
CA SER B 399 27.94 29.75 3.08
C SER B 399 26.65 30.37 3.58
N ALA B 400 25.65 29.56 3.89
CA ALA B 400 24.36 30.08 4.32
C ALA B 400 24.49 30.98 5.54
N HIS B 401 25.41 30.65 6.44
CA HIS B 401 25.68 31.54 7.57
C HIS B 401 26.49 32.76 7.15
N LYS B 402 27.29 32.63 6.09
CA LYS B 402 28.10 33.74 5.62
C LYS B 402 27.28 34.81 4.93
N VAL B 403 26.02 34.53 4.60
CA VAL B 403 25.14 35.52 3.98
C VAL B 403 24.12 35.99 5.00
N LEU B 404 24.51 35.94 6.28
CA LEU B 404 23.69 36.39 7.42
C LEU B 404 22.28 35.80 7.38
N LEU B 405 22.15 34.62 6.77
CA LEU B 405 20.89 33.87 6.76
C LEU B 405 20.97 32.81 7.84
N ASP B 406 20.02 32.82 8.77
CA ASP B 406 19.97 31.84 9.85
C ASP B 406 18.56 31.24 9.89
N ASP B 407 18.46 29.96 9.55
CA ASP B 407 17.18 29.27 9.61
C ASP B 407 17.47 27.78 9.71
N ASP B 408 17.22 27.19 10.88
CA ASP B 408 17.41 25.76 11.03
C ASP B 408 16.40 24.96 10.23
N ASN B 409 15.29 25.58 9.83
CA ASN B 409 14.38 24.95 8.90
C ASN B 409 14.94 25.06 7.49
N LEU B 410 14.67 24.03 6.68
CA LEU B 410 15.00 23.95 5.26
C LEU B 410 16.50 24.06 4.99
N LEU B 411 17.30 24.20 6.03
CA LEU B 411 18.76 24.22 5.88
C LEU B 411 19.32 22.81 5.78
N PRO B 412 18.96 21.88 6.69
CA PRO B 412 19.44 20.49 6.52
C PRO B 412 18.72 19.74 5.43
N LEU B 413 17.63 20.29 4.89
CA LEU B 413 16.87 19.59 3.86
C LEU B 413 17.57 19.65 2.51
N LEU B 414 18.50 20.59 2.33
CA LEU B 414 19.27 20.73 1.09
C LEU B 414 20.57 19.97 1.24
N HIS B 415 20.75 18.93 0.43
CA HIS B 415 21.94 18.09 0.49
C HIS B 415 22.53 17.98 -0.92
N LEU B 416 23.70 18.57 -1.12
CA LEU B 416 24.37 18.47 -2.40
C LEU B 416 24.85 17.04 -2.64
N THR B 417 24.78 16.61 -3.90
CA THR B 417 25.18 15.27 -4.28
C THR B 417 26.39 15.33 -5.19
N ILE B 418 27.20 14.27 -5.15
CA ILE B 418 28.38 14.14 -5.98
C ILE B 418 28.26 12.83 -6.75
N GLU B 419 27.99 12.92 -8.05
CA GLU B 419 27.90 11.73 -8.87
C GLU B 419 29.30 11.17 -9.11
N TYR B 420 29.73 10.24 -8.25
CA TYR B 420 31.07 9.67 -8.30
C TYR B 420 30.98 8.19 -8.68
N HIS B 421 31.97 7.74 -9.44
CA HIS B 421 32.11 6.34 -9.83
C HIS B 421 30.86 5.86 -10.59
N GLY B 422 30.61 6.50 -11.71
CA GLY B 422 29.46 6.18 -12.53
C GLY B 422 28.45 7.30 -12.63
N ALA B 447 37.90 13.89 -15.42
CA ALA B 447 36.55 14.29 -15.03
C ALA B 447 36.58 15.39 -13.97
N SER B 448 36.10 16.57 -14.33
CA SER B 448 36.05 17.69 -13.42
C SER B 448 34.93 17.50 -12.41
N GLY B 449 35.16 17.98 -11.19
CA GLY B 449 34.18 17.81 -10.12
C GLY B 449 32.88 18.54 -10.39
N TRP B 450 32.97 19.71 -11.03
CA TRP B 450 31.75 20.49 -11.30
C TRP B 450 30.78 19.73 -12.19
N ALA B 451 31.27 18.84 -13.04
CA ALA B 451 30.41 18.14 -13.98
C ALA B 451 29.44 17.18 -13.29
N ALA B 452 29.69 16.83 -12.03
CA ALA B 452 28.86 15.88 -11.31
C ALA B 452 28.08 16.51 -10.17
N LEU B 453 28.20 17.82 -9.97
CA LEU B 453 27.53 18.47 -8.86
C LEU B 453 26.03 18.51 -9.07
N GLY B 454 25.29 18.49 -7.97
CA GLY B 454 23.84 18.51 -8.03
C GLY B 454 23.26 18.74 -6.66
N LEU B 455 21.96 19.04 -6.63
CA LEU B 455 21.26 19.35 -5.39
C LEU B 455 19.95 18.59 -5.37
N SER B 456 19.78 17.74 -4.36
CA SER B 456 18.56 16.97 -4.15
C SER B 456 17.75 17.56 -3.02
N TYR B 457 16.46 17.23 -3.01
CA TYR B 457 15.49 17.84 -2.10
C TYR B 457 14.61 16.75 -1.52
N LYS B 458 14.69 16.54 -0.21
CA LYS B 458 13.83 15.57 0.47
C LYS B 458 12.47 16.23 0.68
N VAL B 459 11.53 15.91 -0.21
CA VAL B 459 10.21 16.54 -0.17
C VAL B 459 9.41 15.97 0.99
N GLN B 460 8.46 16.77 1.49
CA GLN B 460 7.61 16.37 2.59
C GLN B 460 6.52 15.42 2.12
N TRP B 461 5.56 15.13 3.00
CA TRP B 461 4.53 14.16 2.66
C TRP B 461 3.44 14.72 1.75
N PRO B 462 2.85 15.89 2.01
CA PRO B 462 1.74 16.33 1.15
C PRO B 462 2.13 16.51 -0.30
N LEU B 463 3.26 17.15 -0.57
CA LEU B 463 3.71 17.39 -1.93
C LEU B 463 4.37 16.18 -2.56
N HIS B 464 4.34 15.03 -1.90
CA HIS B 464 4.97 13.83 -2.47
C HIS B 464 4.33 13.45 -3.80
N ILE B 465 3.06 13.81 -4.00
CA ILE B 465 2.39 13.48 -5.25
C ILE B 465 2.74 14.49 -6.33
N LEU B 466 2.97 15.75 -5.97
CA LEU B 466 3.25 16.77 -6.96
C LEU B 466 4.69 16.75 -7.43
N PHE B 467 5.63 16.35 -6.58
CA PHE B 467 7.05 16.34 -6.90
C PHE B 467 7.55 14.90 -6.87
N THR B 468 7.42 14.23 -8.02
CA THR B 468 7.94 12.88 -8.19
C THR B 468 9.43 12.95 -8.53
N PRO B 469 10.15 11.84 -8.42
CA PRO B 469 11.55 11.84 -8.84
C PRO B 469 11.75 12.22 -10.31
N ALA B 470 10.71 12.15 -11.13
CA ALA B 470 10.84 12.57 -12.52
C ALA B 470 10.91 14.08 -12.63
N VAL B 471 9.91 14.78 -12.11
CA VAL B 471 9.87 16.23 -12.22
C VAL B 471 11.00 16.86 -11.39
N LEU B 472 11.35 16.23 -10.27
CA LEU B 472 12.46 16.73 -9.47
C LEU B 472 13.81 16.48 -10.12
N GLU B 473 13.86 15.72 -11.20
N GLU B 473 13.86 15.72 -11.22
CA GLU B 473 15.11 15.51 -11.92
CA GLU B 473 15.09 15.49 -11.94
C GLU B 473 15.35 16.57 -12.99
C GLU B 473 15.35 16.55 -13.00
N LYS B 474 14.31 16.94 -13.75
CA LYS B 474 14.46 17.99 -14.74
C LYS B 474 14.85 19.31 -14.06
N TYR B 475 14.38 19.54 -12.84
CA TYR B 475 14.83 20.69 -12.08
C TYR B 475 16.35 20.65 -11.87
N ASN B 476 16.89 19.48 -11.59
CA ASN B 476 18.32 19.36 -11.32
C ASN B 476 19.13 19.73 -12.56
N VAL B 477 18.66 19.34 -13.75
CA VAL B 477 19.42 19.64 -14.98
C VAL B 477 19.53 21.14 -15.17
N VAL B 478 18.48 21.88 -14.84
CA VAL B 478 18.54 23.34 -14.93
C VAL B 478 19.56 23.90 -13.95
N PHE B 479 19.62 23.31 -12.75
CA PHE B 479 20.59 23.78 -11.77
C PHE B 479 22.02 23.50 -12.20
N LYS B 480 22.24 22.41 -12.94
CA LYS B 480 23.59 22.12 -13.43
C LYS B 480 24.03 23.14 -14.46
N TYR B 481 23.15 23.46 -15.41
CA TYR B 481 23.52 24.41 -16.47
C TYR B 481 23.60 25.83 -15.92
N LEU B 482 22.56 26.27 -15.21
CA LEU B 482 22.53 27.65 -14.74
C LEU B 482 23.69 27.96 -13.81
N LEU B 483 24.19 26.97 -13.08
CA LEU B 483 25.36 27.20 -12.25
C LEU B 483 26.61 27.41 -13.11
N SER B 484 26.71 26.69 -14.22
CA SER B 484 27.86 26.83 -15.09
C SER B 484 27.98 28.25 -15.63
N VAL B 485 26.88 28.77 -16.18
CA VAL B 485 26.86 30.16 -16.64
C VAL B 485 27.23 31.10 -15.50
N ARG B 486 26.70 30.83 -14.31
CA ARG B 486 27.06 31.66 -13.16
C ARG B 486 28.53 31.51 -12.81
N ARG B 487 29.08 30.30 -12.98
CA ARG B 487 30.49 30.09 -12.66
C ARG B 487 31.39 30.82 -13.63
N VAL B 488 31.09 30.74 -14.94
CA VAL B 488 31.93 31.39 -15.93
C VAL B 488 31.77 32.90 -15.86
N GLN B 489 30.57 33.40 -15.52
CA GLN B 489 30.37 34.83 -15.43
C GLN B 489 31.12 35.41 -14.24
N ALA B 490 30.98 34.80 -13.07
CA ALA B 490 31.71 35.27 -11.90
C ALA B 490 33.22 35.17 -12.13
N GLU B 491 33.65 34.12 -12.82
CA GLU B 491 35.07 33.99 -13.12
C GLU B 491 35.53 35.06 -14.09
N LEU B 492 34.73 35.32 -15.13
CA LEU B 492 35.13 36.28 -16.16
C LEU B 492 35.30 37.68 -15.59
N GLN B 493 34.35 38.12 -14.75
CA GLN B 493 34.39 39.48 -14.24
C GLN B 493 35.56 39.68 -13.28
N HIS B 494 36.02 38.62 -12.62
CA HIS B 494 37.18 38.74 -11.75
C HIS B 494 38.41 39.15 -12.56
N CYS B 495 38.52 38.64 -13.79
CA CYS B 495 39.60 39.07 -14.66
C CYS B 495 39.50 40.57 -14.93
N TRP B 496 38.30 41.05 -15.22
CA TRP B 496 38.09 42.49 -15.38
C TRP B 496 38.47 43.21 -14.11
N ALA B 497 38.15 42.63 -12.94
CA ALA B 497 38.55 43.23 -11.68
C ALA B 497 40.06 43.29 -11.51
N LEU B 498 40.82 42.59 -12.36
CA LEU B 498 42.27 42.62 -12.32
C LEU B 498 42.86 43.54 -13.39
N GLN B 499 42.26 43.59 -14.57
CA GLN B 499 42.75 44.49 -15.61
C GLN B 499 42.73 45.94 -15.14
N MET B 500 41.58 46.40 -14.64
CA MET B 500 41.52 47.73 -14.07
C MET B 500 42.44 47.85 -12.87
N GLN B 501 42.56 46.78 -12.08
CA GLN B 501 43.51 46.77 -10.97
C GLN B 501 44.95 46.76 -11.43
N ARG B 502 45.20 46.46 -12.70
CA ARG B 502 46.56 46.40 -13.23
C ARG B 502 46.99 47.72 -13.88
N LYS B 503 46.25 48.80 -13.65
CA LYS B 503 46.67 50.09 -14.17
C LYS B 503 47.91 50.58 -13.42
N HIS B 504 48.92 50.99 -14.18
CA HIS B 504 50.16 51.48 -13.59
C HIS B 504 50.09 52.98 -13.36
N GLN B 509 52.22 47.74 -23.57
CA GLN B 509 52.41 46.80 -24.67
C GLN B 509 51.33 47.00 -25.73
N THR B 510 51.77 47.11 -26.99
CA THR B 510 50.82 47.33 -28.08
C THR B 510 49.99 46.09 -28.39
N ASP B 511 50.40 44.92 -27.91
CA ASP B 511 49.65 43.70 -28.14
C ASP B 511 48.85 43.25 -26.93
N ALA B 512 49.24 43.66 -25.72
CA ALA B 512 48.48 43.28 -24.52
C ALA B 512 47.09 43.88 -24.54
N ILE B 513 46.90 45.00 -25.25
CA ILE B 513 45.58 45.61 -25.34
C ILE B 513 44.58 44.75 -26.10
N LYS B 514 45.06 43.72 -26.81
CA LYS B 514 44.14 42.78 -27.45
C LYS B 514 43.33 42.00 -26.44
N TRP B 515 43.75 41.98 -25.17
CA TRP B 515 43.01 41.25 -24.15
C TRP B 515 41.60 41.83 -23.99
N ARG B 516 41.51 43.09 -23.59
CA ARG B 516 40.21 43.72 -23.37
C ARG B 516 39.41 43.81 -24.66
N LEU B 517 40.09 43.93 -25.80
CA LEU B 517 39.38 43.88 -27.09
C LEU B 517 38.78 42.50 -27.33
N ARG B 518 39.25 41.47 -26.63
CA ARG B 518 38.59 40.17 -26.64
C ARG B 518 37.74 39.96 -25.40
N ASN B 519 38.18 40.48 -24.26
CA ASN B 519 37.44 40.30 -23.01
C ASN B 519 36.05 40.93 -23.12
N HIS B 520 35.99 42.17 -23.62
CA HIS B 520 34.69 42.84 -23.75
C HIS B 520 33.77 42.09 -24.70
N MET B 521 34.32 41.59 -25.81
CA MET B 521 33.51 40.77 -26.71
C MET B 521 33.01 39.53 -26.00
N ALA B 522 33.89 38.85 -25.26
CA ALA B 522 33.46 37.70 -24.49
C ALA B 522 32.53 38.11 -23.35
N PHE B 523 32.59 39.38 -22.93
CA PHE B 523 31.72 39.85 -21.87
C PHE B 523 30.31 40.11 -22.39
N LEU B 524 30.20 40.88 -23.47
CA LEU B 524 28.89 41.24 -23.99
C LEU B 524 28.08 40.01 -24.39
N VAL B 525 28.74 39.01 -24.96
CA VAL B 525 28.03 37.79 -25.36
C VAL B 525 27.57 37.03 -24.13
N ASP B 526 28.34 37.11 -23.03
CA ASP B 526 28.03 36.31 -21.86
C ASP B 526 27.15 37.03 -20.85
N ASN B 527 27.40 38.32 -20.60
CA ASN B 527 26.60 39.04 -19.63
C ASN B 527 25.14 39.13 -20.07
N LEU B 528 24.91 39.59 -21.30
CA LEU B 528 23.55 39.61 -21.82
C LEU B 528 23.00 38.20 -22.05
N GLN B 529 23.86 37.18 -22.03
CA GLN B 529 23.35 35.81 -22.03
C GLN B 529 22.72 35.46 -20.69
N TYR B 530 23.24 36.01 -19.60
CA TYR B 530 22.53 35.89 -18.32
C TYR B 530 21.25 36.69 -18.32
N TYR B 531 21.11 37.66 -19.22
CA TYR B 531 19.79 38.19 -19.53
C TYR B 531 19.11 37.25 -20.52
N LEU B 532 17.78 37.40 -20.61
CA LEU B 532 16.87 36.41 -21.18
C LEU B 532 16.71 35.25 -20.20
N GLN B 533 17.52 35.23 -19.14
CA GLN B 533 17.35 34.26 -18.06
C GLN B 533 16.54 34.86 -16.92
N VAL B 534 16.93 36.05 -16.44
CA VAL B 534 16.09 36.77 -15.51
C VAL B 534 14.81 37.26 -16.15
N ASP B 535 14.68 37.12 -17.48
CA ASP B 535 13.46 37.46 -18.19
C ASP B 535 12.80 36.25 -18.84
N VAL B 536 13.30 35.03 -18.58
CA VAL B 536 12.53 33.83 -18.82
C VAL B 536 12.12 33.17 -17.50
N LEU B 537 12.88 33.37 -16.43
CA LEU B 537 12.46 32.90 -15.12
C LEU B 537 11.35 33.77 -14.57
N GLU B 538 11.62 35.07 -14.42
CA GLU B 538 10.62 35.98 -13.87
C GLU B 538 9.45 36.23 -14.80
N SER B 539 9.39 35.55 -15.95
CA SER B 539 8.23 35.60 -16.83
C SER B 539 7.45 34.29 -16.82
N GLN B 540 8.14 33.16 -16.99
CA GLN B 540 7.46 31.87 -16.89
C GLN B 540 6.96 31.62 -15.48
N PHE B 541 7.78 31.92 -14.47
CA PHE B 541 7.34 31.73 -13.09
C PHE B 541 6.17 32.64 -12.76
N SER B 542 6.15 33.86 -13.30
CA SER B 542 5.03 34.76 -13.04
C SER B 542 3.73 34.25 -13.66
N GLN B 543 3.82 33.39 -14.68
CA GLN B 543 2.62 32.75 -15.20
C GLN B 543 2.23 31.54 -14.36
N LEU B 544 3.22 30.74 -13.96
CA LEU B 544 2.94 29.58 -13.11
C LEU B 544 2.24 29.99 -11.82
N LEU B 545 2.66 31.10 -11.23
CA LEU B 545 2.00 31.58 -10.01
C LEU B 545 0.63 32.16 -10.29
N HIS B 546 0.38 32.64 -11.51
CA HIS B 546 -0.92 33.19 -11.84
C HIS B 546 -1.93 32.10 -12.20
N GLN B 547 -1.47 31.03 -12.85
CA GLN B 547 -2.35 29.91 -13.13
C GLN B 547 -2.78 29.19 -11.86
N ILE B 548 -2.08 29.40 -10.75
CA ILE B 548 -2.43 28.74 -9.51
C ILE B 548 -3.60 29.46 -8.83
N ASN B 549 -3.47 30.77 -8.63
CA ASN B 549 -4.49 31.53 -7.93
C ASN B 549 -5.74 31.81 -8.77
N SER B 550 -5.83 31.23 -9.97
CA SER B 550 -6.98 31.44 -10.84
C SER B 550 -7.96 30.28 -10.79
N THR B 551 -7.51 29.07 -11.10
CA THR B 551 -8.39 27.91 -11.20
C THR B 551 -8.52 27.25 -9.83
N ARG B 552 -9.76 27.14 -9.33
CA ARG B 552 -9.99 26.41 -8.10
C ARG B 552 -9.70 24.93 -8.23
N ASP B 553 -9.65 24.42 -9.46
CA ASP B 553 -9.35 23.01 -9.68
C ASP B 553 -7.88 22.72 -9.39
N PHE B 554 -7.60 21.50 -8.96
CA PHE B 554 -6.23 21.05 -8.75
C PHE B 554 -5.62 20.44 -9.99
N GLU B 555 -6.44 19.84 -10.87
CA GLU B 555 -5.92 19.22 -12.08
C GLU B 555 -5.14 20.20 -12.93
N SER B 556 -5.49 21.49 -12.88
CA SER B 556 -4.76 22.49 -13.63
C SER B 556 -3.33 22.63 -13.12
N ILE B 557 -3.15 22.58 -11.80
CA ILE B 557 -1.83 22.76 -11.21
C ILE B 557 -0.87 21.67 -11.70
N ARG B 558 -1.34 20.42 -11.76
CA ARG B 558 -0.49 19.35 -12.25
C ARG B 558 -0.12 19.53 -13.71
N LEU B 559 -0.89 20.31 -14.46
CA LEU B 559 -0.59 20.59 -15.85
C LEU B 559 0.09 21.94 -16.04
N ALA B 560 -0.36 22.98 -15.32
CA ALA B 560 0.30 24.27 -15.41
C ALA B 560 1.76 24.18 -14.96
N HIS B 561 2.00 23.50 -13.85
CA HIS B 561 3.37 23.31 -13.38
C HIS B 561 4.16 22.45 -14.35
N ASP B 562 3.52 21.43 -14.94
CA ASP B 562 4.22 20.57 -15.88
C ASP B 562 4.59 21.33 -17.15
N HIS B 563 3.69 22.18 -17.64
CA HIS B 563 3.99 22.97 -18.83
C HIS B 563 5.02 24.05 -18.52
N PHE B 564 4.98 24.62 -17.30
CA PHE B 564 5.99 25.60 -16.91
C PHE B 564 7.39 25.00 -16.96
N LEU B 565 7.52 23.75 -16.51
CA LEU B 565 8.84 23.11 -16.51
C LEU B 565 9.32 22.83 -17.93
N SER B 566 8.42 22.34 -18.79
CA SER B 566 8.81 22.03 -20.16
C SER B 566 9.26 23.28 -20.91
N ASN B 567 8.69 24.44 -20.58
CA ASN B 567 9.09 25.68 -21.24
C ASN B 567 10.52 26.04 -20.89
N LEU B 568 10.92 25.87 -19.63
CA LEU B 568 12.29 26.19 -19.23
C LEU B 568 13.30 25.36 -20.00
N LEU B 569 13.02 24.08 -20.21
CA LEU B 569 13.91 23.25 -21.00
C LEU B 569 13.90 23.67 -22.47
N ALA B 570 12.78 24.22 -22.95
CA ALA B 570 12.68 24.66 -24.33
C ALA B 570 13.17 26.09 -24.52
N GLN B 571 12.81 27.00 -23.62
CA GLN B 571 13.19 28.40 -23.78
C GLN B 571 14.68 28.59 -23.59
N SER B 572 15.26 27.94 -22.59
CA SER B 572 16.68 28.11 -22.27
C SER B 572 17.61 27.36 -23.22
N PHE B 573 17.09 26.85 -24.33
CA PHE B 573 17.89 26.17 -25.36
C PHE B 573 18.61 24.95 -24.83
N ILE B 574 18.16 24.40 -23.70
CA ILE B 574 18.81 23.20 -23.16
C ILE B 574 18.50 21.99 -24.02
N LEU B 575 17.28 21.90 -24.54
CA LEU B 575 16.93 20.76 -25.39
C LEU B 575 17.37 20.96 -26.83
N LEU B 576 17.49 22.20 -27.29
CA LEU B 576 17.91 22.48 -28.66
C LEU B 576 19.39 22.13 -28.81
N LYS B 577 19.66 20.99 -29.44
CA LYS B 577 21.01 20.47 -29.51
C LYS B 577 21.99 21.38 -30.24
N PRO B 578 21.70 21.91 -31.44
CA PRO B 578 22.72 22.69 -32.15
C PRO B 578 23.22 23.90 -31.37
N VAL B 579 22.31 24.73 -30.88
CA VAL B 579 22.74 25.91 -30.13
C VAL B 579 23.38 25.52 -28.81
N PHE B 580 22.87 24.47 -28.18
CA PHE B 580 23.45 24.04 -26.91
C PHE B 580 24.83 23.42 -27.08
N HIS B 581 25.15 22.94 -28.28
CA HIS B 581 26.48 22.40 -28.54
C HIS B 581 27.44 23.43 -29.09
N CYS B 582 26.96 24.62 -29.43
CA CYS B 582 27.85 25.69 -29.87
C CYS B 582 28.20 26.64 -28.74
N LEU B 583 27.19 27.07 -27.97
CA LEU B 583 27.46 27.93 -26.81
C LEU B 583 28.28 27.19 -25.77
N ASN B 584 28.12 25.86 -25.68
CA ASN B 584 28.93 25.08 -24.76
C ASN B 584 30.41 25.29 -25.06
N GLU B 585 30.78 25.36 -26.34
CA GLU B 585 32.15 25.66 -26.71
C GLU B 585 32.56 27.04 -26.22
N ILE B 586 31.61 27.99 -26.18
CA ILE B 586 31.93 29.32 -25.65
C ILE B 586 32.17 29.25 -24.15
N LEU B 587 31.49 28.34 -23.45
CA LEU B 587 31.60 28.24 -22.01
C LEU B 587 33.02 27.91 -21.58
N ASP B 588 33.50 26.72 -21.95
CA ASP B 588 34.86 26.34 -21.58
C ASP B 588 35.91 27.20 -22.26
N LEU B 589 35.54 27.98 -23.28
CA LEU B 589 36.49 28.86 -23.93
C LEU B 589 36.97 29.95 -22.98
N CYS B 590 36.05 30.55 -22.24
CA CYS B 590 36.43 31.61 -21.31
C CYS B 590 37.29 31.08 -20.17
N HIS B 591 37.09 29.82 -19.78
CA HIS B 591 37.94 29.21 -18.77
C HIS B 591 39.40 29.29 -19.18
N SER B 592 39.70 29.00 -20.45
CA SER B 592 41.07 29.07 -20.94
C SER B 592 41.57 30.50 -20.94
N PHE B 593 40.76 31.43 -21.44
CA PHE B 593 41.20 32.82 -21.53
C PHE B 593 41.41 33.42 -20.15
N CYS B 594 40.43 33.26 -19.26
CA CYS B 594 40.54 33.84 -17.93
C CYS B 594 41.74 33.28 -17.18
N SER B 595 42.00 31.97 -17.35
CA SER B 595 43.17 31.39 -16.72
C SER B 595 44.45 32.00 -17.28
N LEU B 596 44.49 32.23 -18.59
CA LEU B 596 45.69 32.78 -19.23
C LEU B 596 46.05 34.13 -18.61
N VAL B 597 45.05 34.95 -18.30
CA VAL B 597 45.35 36.25 -17.71
C VAL B 597 45.74 36.11 -16.24
N SER B 598 45.21 35.11 -15.55
CA SER B 598 45.49 34.94 -14.13
C SER B 598 46.75 34.11 -13.88
N GLN B 599 47.10 33.20 -14.79
CA GLN B 599 48.27 32.36 -14.62
C GLN B 599 49.59 33.13 -14.73
N ASN B 600 49.54 34.45 -14.92
CA ASN B 600 50.75 35.26 -15.01
C ASN B 600 50.44 36.65 -14.48
N LEU B 601 51.47 37.50 -14.43
CA LEU B 601 51.32 38.89 -14.04
C LEU B 601 52.05 39.84 -14.98
N GLY B 602 52.65 39.34 -16.05
CA GLY B 602 53.34 40.17 -17.02
C GLY B 602 52.69 40.11 -18.39
N PRO B 603 53.32 40.73 -19.37
CA PRO B 603 52.76 40.70 -20.73
C PRO B 603 52.83 39.31 -21.33
N LEU B 604 51.88 39.01 -22.21
CA LEU B 604 51.80 37.71 -22.85
C LEU B 604 52.89 37.63 -23.92
N ASP B 605 54.06 37.19 -23.50
CA ASP B 605 55.21 37.03 -24.40
C ASP B 605 55.70 35.60 -24.49
N GLU B 606 55.80 34.89 -23.37
CA GLU B 606 56.26 33.50 -23.36
C GLU B 606 55.14 32.61 -23.86
N ARG B 607 55.02 32.56 -25.19
CA ARG B 607 54.09 31.71 -25.94
C ARG B 607 52.65 31.89 -25.50
N GLY B 608 52.37 32.92 -24.69
CA GLY B 608 51.00 33.24 -24.36
C GLY B 608 50.28 33.90 -25.52
N ALA B 609 50.92 34.89 -26.14
CA ALA B 609 50.36 35.51 -27.34
C ALA B 609 50.21 34.48 -28.45
N ALA B 610 51.17 33.56 -28.58
CA ALA B 610 51.04 32.48 -29.54
C ALA B 610 49.82 31.62 -29.23
N GLN B 611 49.44 31.52 -27.96
CA GLN B 611 48.22 30.83 -27.58
C GLN B 611 47.01 31.74 -27.62
N LEU B 612 47.21 33.06 -27.48
CA LEU B 612 46.08 33.99 -27.49
C LEU B 612 45.41 34.03 -28.85
N SER B 613 46.20 34.15 -29.91
CA SER B 613 45.64 34.21 -31.26
C SER B 613 44.98 32.91 -31.69
N ILE B 614 45.14 31.83 -30.92
CA ILE B 614 44.50 30.56 -31.27
C ILE B 614 42.99 30.66 -31.10
N LEU B 615 42.54 31.21 -29.98
CA LEU B 615 41.12 31.18 -29.66
C LEU B 615 40.34 32.18 -30.50
N VAL B 616 40.91 33.35 -30.77
CA VAL B 616 40.20 34.37 -31.54
C VAL B 616 39.88 33.86 -32.94
N LYS B 617 40.75 33.03 -33.51
CA LYS B 617 40.43 32.39 -34.77
C LYS B 617 39.28 31.41 -34.65
N GLY B 618 39.05 30.86 -33.45
CA GLY B 618 37.94 29.97 -33.22
C GLY B 618 36.75 30.69 -32.61
N PHE B 619 37.02 31.59 -31.67
CA PHE B 619 35.93 32.32 -31.02
C PHE B 619 35.15 33.16 -32.02
N SER B 620 35.84 34.04 -32.75
CA SER B 620 35.15 34.86 -33.74
C SER B 620 34.48 33.98 -34.79
N ARG B 621 35.09 32.83 -35.12
CA ARG B 621 34.41 31.87 -35.96
C ARG B 621 33.19 31.28 -35.26
N GLN B 622 33.34 30.93 -33.98
CA GLN B 622 32.20 30.44 -33.21
C GLN B 622 31.16 31.54 -33.03
N SER B 623 31.61 32.79 -32.93
CA SER B 623 30.67 33.90 -32.76
C SER B 623 29.75 34.04 -33.97
N SER B 624 30.34 34.16 -35.16
CA SER B 624 29.53 34.32 -36.36
C SER B 624 28.81 33.03 -36.72
N LEU B 625 29.36 31.88 -36.31
CA LEU B 625 28.67 30.61 -36.53
C LEU B 625 27.33 30.60 -35.81
N LEU B 626 27.30 31.10 -34.58
CA LEU B 626 26.03 31.23 -33.85
C LEU B 626 25.10 32.19 -34.57
N PHE B 627 25.65 33.25 -35.15
CA PHE B 627 24.83 34.28 -35.78
C PHE B 627 24.00 33.70 -36.93
N LYS B 628 24.58 32.79 -37.70
CA LYS B 628 23.83 32.16 -38.78
C LYS B 628 22.73 31.26 -38.23
N ILE B 629 22.96 30.68 -37.05
CA ILE B 629 21.97 29.78 -36.47
C ILE B 629 20.69 30.52 -36.14
N LEU B 630 20.82 31.74 -35.61
CA LEU B 630 19.64 32.49 -35.19
C LEU B 630 18.90 33.07 -36.38
N SER B 631 19.62 33.45 -37.43
CA SER B 631 19.00 34.03 -38.61
C SER B 631 18.14 33.01 -39.34
N ASN B 639 11.30 31.80 -33.59
CA ASN B 639 10.39 31.28 -32.59
C ASN B 639 10.59 31.99 -31.26
N SER B 640 11.71 31.72 -30.60
CA SER B 640 12.05 32.33 -29.34
C SER B 640 13.41 33.03 -29.36
N ASP B 641 14.21 32.80 -30.40
CA ASP B 641 15.53 33.40 -30.46
C ASP B 641 15.45 34.91 -30.69
N LEU B 642 14.32 35.38 -31.20
CA LEU B 642 14.18 36.80 -31.51
C LEU B 642 14.35 37.65 -30.27
N ALA B 643 13.87 37.17 -29.12
CA ALA B 643 14.05 37.91 -27.88
C ALA B 643 15.52 37.98 -27.48
N GLN B 644 16.28 36.93 -27.80
CA GLN B 644 17.68 36.90 -27.42
C GLN B 644 18.54 37.68 -28.41
N LEU B 645 18.36 37.44 -29.71
CA LEU B 645 19.19 38.08 -30.71
C LEU B 645 19.00 39.59 -30.72
N LEU B 646 17.82 40.06 -30.30
CA LEU B 646 17.56 41.49 -30.28
C LEU B 646 18.54 42.20 -29.33
N LEU B 647 18.82 41.60 -28.18
CA LEU B 647 19.69 42.25 -27.21
C LEU B 647 21.11 42.35 -27.74
N ARG B 648 21.64 41.28 -28.34
CA ARG B 648 23.00 41.32 -28.84
C ARG B 648 23.14 42.27 -30.02
N LEU B 649 22.05 42.49 -30.75
CA LEU B 649 22.09 43.28 -31.98
C LEU B 649 21.64 44.72 -31.77
N ASP B 650 21.69 45.23 -30.54
CA ASP B 650 21.20 46.59 -30.30
C ASP B 650 22.08 47.62 -31.00
N TYR B 651 23.40 47.46 -30.91
CA TYR B 651 24.32 48.37 -31.58
C TYR B 651 24.83 47.83 -32.90
N ASN B 652 24.33 46.67 -33.34
CA ASN B 652 24.58 46.12 -34.68
C ASN B 652 26.06 45.78 -34.89
N LYS B 653 26.76 45.36 -33.83
CA LYS B 653 28.13 44.91 -34.00
C LYS B 653 28.19 43.65 -34.85
N TYR B 654 27.26 42.71 -34.63
CA TYR B 654 27.25 41.51 -35.45
C TYR B 654 26.81 41.80 -36.88
N TYR B 655 26.06 42.89 -37.09
CA TYR B 655 25.66 43.24 -38.44
C TYR B 655 26.86 43.50 -39.33
N THR B 656 27.90 44.11 -38.77
CA THR B 656 29.12 44.32 -39.54
C THR B 656 29.96 43.04 -39.63
N GLN B 657 29.76 42.13 -38.68
CA GLN B 657 30.47 40.84 -38.72
C GLN B 657 30.02 40.03 -39.94
#